data_1OJJ
#
_entry.id   1OJJ
#
_cell.length_a   66.364
_cell.length_b   74.746
_cell.length_c   85.820
_cell.angle_alpha   90.00
_cell.angle_beta   102.51
_cell.angle_gamma   90.00
#
_symmetry.space_group_name_H-M   'P 1 21 1'
#
loop_
_entity.id
_entity.type
_entity.pdbx_description
1 polymer 'ENDOGLUCANASE I'
2 branched beta-D-galactopyranose-(1-4)-beta-D-glucopyranose
3 branched beta-D-galactopyranose-(1-4)-alpha-D-glucopyranose
4 non-polymer 2-acetamido-2-deoxy-beta-D-glucopyranose
5 water water
#
_entity_poly.entity_id   1
_entity_poly.type   'polypeptide(L)'
_entity_poly.pdbx_seq_one_letter_code
;(PCA)KPGETKEVHPQLTTFRCTKRGGCKPATNFIVLDSLSHPIHRAEGLGPGGCGDWGNPPPKDVCPDVESCAKNCIME
GIPDYSQYGVTTNGTSLRLQHILPDGRVPSPRVYLLDKTKRRYEMLHLTGFEFTFDVDATKLPCGMNSALYLSEMHPTGA
KSKYNPGGAYYGTGYCDAQCFVTPFINGLGNIEGKGSCCNSMDIWEANSRASHVAPHTCNKKGLYLCEGEECAFEGVCDK
NGCGWNNYRVNVTDYYGRGEEFKVNTLKPFTVVTQFLANRRGKLEKIHRFYVQDGKVIESFYTNKEGVPYTNMIDDEFCE
ATGSRKYMELGATQGMGEALTRGMVLAMSIWWDQGGNMEWLDHGEAGPCAKGEGAPSNIVQVEPFPEVTYTNLRWGEIGS
TYQELQ
;
_entity_poly.pdbx_strand_id   A,B
#
loop_
_chem_comp.id
_chem_comp.type
_chem_comp.name
_chem_comp.formula
BGC D-saccharide, beta linking beta-D-glucopyranose 'C6 H12 O6'
GAL D-saccharide, beta linking beta-D-galactopyranose 'C6 H12 O6'
GLC D-saccharide, alpha linking alpha-D-glucopyranose 'C6 H12 O6'
NAG D-saccharide, beta linking 2-acetamido-2-deoxy-beta-D-glucopyranose 'C8 H15 N O6'
#
# COMPACT_ATOMS: atom_id res chain seq x y z
N PCA A 1 -25.32 0.66 -30.16
CA PCA A 1 -26.49 0.02 -29.61
CB PCA A 1 -26.07 -0.59 -28.30
CG PCA A 1 -24.75 0.04 -27.89
CD PCA A 1 -24.34 0.75 -29.16
OE PCA A 1 -23.29 1.37 -29.36
C PCA A 1 -27.66 0.99 -29.52
O PCA A 1 -27.49 2.19 -29.44
N LYS A 2 -28.88 0.46 -29.57
CA LYS A 2 -30.10 1.28 -29.56
C LYS A 2 -30.41 1.84 -28.18
N PRO A 3 -30.56 3.16 -28.05
CA PRO A 3 -30.96 3.70 -26.75
C PRO A 3 -32.23 3.11 -26.17
N GLY A 4 -32.19 2.82 -24.87
CA GLY A 4 -33.35 2.27 -24.16
C GLY A 4 -34.30 3.34 -23.65
N GLU A 5 -35.29 2.91 -22.87
CA GLU A 5 -36.26 3.82 -22.26
C GLU A 5 -35.79 4.61 -21.07
N THR A 6 -34.73 4.15 -20.39
CA THR A 6 -34.31 4.82 -19.16
C THR A 6 -33.62 6.14 -19.49
N LYS A 7 -33.95 7.17 -18.74
CA LYS A 7 -33.39 8.51 -18.97
C LYS A 7 -31.93 8.56 -18.62
N GLU A 8 -31.22 9.33 -19.43
CA GLU A 8 -29.83 9.71 -19.17
C GLU A 8 -29.80 11.06 -18.46
N VAL A 9 -29.28 11.08 -17.23
CA VAL A 9 -29.22 12.35 -16.45
C VAL A 9 -27.75 12.71 -16.24
N HIS A 10 -27.23 13.55 -17.12
CA HIS A 10 -25.82 13.87 -17.10
C HIS A 10 -25.49 14.81 -15.96
N PRO A 11 -24.45 14.53 -15.20
CA PRO A 11 -23.97 15.54 -14.25
C PRO A 11 -23.52 16.80 -14.96
N GLN A 12 -23.85 17.95 -14.39
CA GLN A 12 -23.40 19.21 -14.90
C GLN A 12 -22.06 19.58 -14.26
N LEU A 13 -21.18 20.19 -15.03
CA LEU A 13 -19.88 20.62 -14.54
C LEU A 13 -19.57 21.99 -15.11
N THR A 14 -19.28 22.94 -14.21
CA THR A 14 -18.82 24.27 -14.65
C THR A 14 -17.31 24.22 -14.89
N THR A 15 -16.88 24.70 -16.05
CA THR A 15 -15.47 24.82 -16.43
C THR A 15 -15.23 26.27 -16.81
N PHE A 16 -14.02 26.59 -17.28
CA PHE A 16 -13.69 28.00 -17.57
C PHE A 16 -12.92 28.14 -18.88
N ARG A 17 -13.12 29.28 -19.51
CA ARG A 17 -12.36 29.70 -20.67
C ARG A 17 -11.61 30.96 -20.28
N CYS A 18 -10.31 30.99 -20.54
CA CYS A 18 -9.46 32.03 -19.96
C CYS A 18 -8.73 32.85 -21.03
N THR A 19 -8.65 34.17 -20.77
CA THR A 19 -7.80 35.06 -21.54
C THR A 19 -7.06 35.96 -20.56
N LYS A 20 -5.98 36.56 -21.04
CA LYS A 20 -5.23 37.52 -20.23
C LYS A 20 -6.10 38.73 -19.84
N ARG A 21 -6.88 39.22 -20.79
CA ARG A 21 -7.69 40.46 -20.62
C ARG A 21 -8.88 40.22 -19.71
N GLY A 22 -9.55 39.07 -19.87
CA GLY A 22 -10.82 38.82 -19.17
C GLY A 22 -10.76 37.84 -18.01
N GLY A 23 -9.59 37.24 -17.78
CA GLY A 23 -9.45 36.19 -16.77
C GLY A 23 -10.17 34.92 -17.20
N CYS A 24 -10.47 34.08 -16.23
CA CYS A 24 -11.21 32.85 -16.48
C CYS A 24 -12.69 33.10 -16.28
N LYS A 25 -13.48 32.74 -17.28
CA LYS A 25 -14.93 32.97 -17.29
C LYS A 25 -15.67 31.64 -17.36
N PRO A 26 -16.71 31.48 -16.54
CA PRO A 26 -17.36 30.17 -16.40
C PRO A 26 -18.16 29.76 -17.63
N ALA A 27 -18.26 28.45 -17.82
CA ALA A 27 -19.00 27.87 -18.94
C ALA A 27 -19.65 26.60 -18.44
N THR A 28 -20.83 26.30 -18.97
CA THR A 28 -21.56 25.11 -18.59
C THR A 28 -21.19 23.94 -19.49
N ASN A 29 -20.80 22.84 -18.86
CA ASN A 29 -20.55 21.59 -19.56
C ASN A 29 -21.30 20.45 -18.88
N PHE A 30 -21.30 19.28 -19.50
CA PHE A 30 -21.91 18.06 -18.94
C PHE A 30 -20.93 16.90 -19.02
N ILE A 31 -21.17 15.89 -18.21
CA ILE A 31 -20.34 14.69 -18.09
C ILE A 31 -21.11 13.48 -18.57
N VAL A 32 -20.47 12.63 -19.42
CA VAL A 32 -21.10 11.40 -19.92
C VAL A 32 -20.16 10.22 -19.72
N LEU A 33 -20.71 9.12 -19.19
CA LEU A 33 -19.98 7.89 -19.05
C LEU A 33 -19.77 7.23 -20.41
N ASP A 34 -18.70 6.45 -20.52
CA ASP A 34 -18.51 5.71 -21.77
C ASP A 34 -19.77 4.94 -22.13
N SER A 35 -20.06 4.87 -23.42
CA SER A 35 -21.24 4.15 -23.90
C SER A 35 -21.32 2.72 -23.37
N LEU A 36 -20.21 2.00 -23.43
CA LEU A 36 -20.20 0.59 -23.06
C LEU A 36 -20.12 0.34 -21.57
N SER A 37 -20.08 1.41 -20.80
CA SER A 37 -20.24 1.38 -19.34
C SER A 37 -21.70 1.59 -18.92
N HIS A 38 -22.55 2.01 -19.86
CA HIS A 38 -24.00 2.02 -19.66
C HIS A 38 -24.52 0.59 -19.63
N PRO A 39 -25.66 0.31 -19.00
CA PRO A 39 -26.19 -1.05 -19.09
C PRO A 39 -26.51 -1.41 -20.54
N ILE A 40 -26.02 -2.57 -20.98
CA ILE A 40 -26.25 -3.07 -22.33
C ILE A 40 -26.95 -4.41 -22.19
N HIS A 41 -28.11 -4.53 -22.81
CA HIS A 41 -28.90 -5.76 -22.75
C HIS A 41 -29.50 -6.02 -24.12
N ARG A 42 -30.36 -7.04 -24.22
CA ARG A 42 -30.90 -7.44 -25.52
C ARG A 42 -32.33 -6.96 -25.66
N ALA A 43 -32.80 -6.94 -26.91
CA ALA A 43 -34.16 -6.53 -27.23
C ALA A 43 -35.18 -7.48 -26.62
N GLU A 44 -36.44 -7.05 -26.64
CA GLU A 44 -37.52 -7.82 -26.03
C GLU A 44 -37.58 -9.25 -26.55
N GLY A 45 -37.80 -10.17 -25.62
CA GLY A 45 -37.94 -11.56 -25.94
C GLY A 45 -36.66 -12.35 -26.20
N LEU A 46 -35.51 -11.67 -26.28
CA LEU A 46 -34.25 -12.34 -26.62
C LEU A 46 -33.49 -12.88 -25.43
N GLY A 47 -34.04 -12.77 -24.22
CA GLY A 47 -33.37 -13.31 -23.02
C GLY A 47 -32.37 -12.35 -22.42
N PRO A 48 -31.71 -12.80 -21.36
CA PRO A 48 -30.81 -11.99 -20.58
C PRO A 48 -29.42 -11.93 -21.21
N GLY A 49 -28.59 -11.06 -20.66
CA GLY A 49 -27.20 -10.95 -21.08
C GLY A 49 -26.96 -9.74 -21.95
N GLY A 50 -25.70 -9.49 -22.22
CA GLY A 50 -25.28 -8.30 -22.96
C GLY A 50 -24.96 -8.57 -24.41
N CYS A 51 -24.16 -7.67 -24.98
CA CYS A 51 -23.75 -7.77 -26.38
C CYS A 51 -22.25 -7.70 -26.50
N GLY A 52 -21.56 -8.40 -25.59
CA GLY A 52 -20.12 -8.59 -25.68
C GLY A 52 -19.34 -7.87 -24.61
N ASP A 53 -18.17 -8.43 -24.33
CA ASP A 53 -17.28 -7.92 -23.30
C ASP A 53 -16.08 -7.21 -23.97
N TRP A 54 -15.40 -6.39 -23.20
CA TRP A 54 -14.21 -5.66 -23.66
C TRP A 54 -13.20 -6.66 -24.21
N GLY A 55 -12.62 -6.29 -25.34
CA GLY A 55 -11.60 -7.14 -25.99
C GLY A 55 -12.10 -7.99 -27.12
N ASN A 56 -13.41 -8.02 -27.31
CA ASN A 56 -14.04 -8.95 -28.23
C ASN A 56 -15.01 -8.29 -29.19
N PRO A 57 -15.26 -8.90 -30.34
CA PRO A 57 -16.42 -8.53 -31.14
C PRO A 57 -17.70 -8.87 -30.35
N PRO A 58 -18.83 -8.32 -30.78
CA PRO A 58 -20.09 -8.68 -30.17
C PRO A 58 -20.48 -10.12 -30.60
N PRO A 59 -21.34 -10.80 -29.84
CA PRO A 59 -21.68 -12.17 -30.14
C PRO A 59 -22.48 -12.31 -31.41
N LYS A 60 -22.22 -13.36 -32.18
CA LYS A 60 -22.87 -13.54 -33.48
C LYS A 60 -24.35 -13.88 -33.39
N ASP A 61 -24.81 -14.37 -32.24
CA ASP A 61 -26.22 -14.74 -32.13
C ASP A 61 -27.13 -13.53 -32.31
N VAL A 62 -26.79 -12.42 -31.69
CA VAL A 62 -27.56 -11.17 -31.81
C VAL A 62 -26.94 -10.16 -32.77
N CYS A 63 -25.65 -10.32 -33.09
CA CYS A 63 -24.92 -9.36 -33.91
C CYS A 63 -24.25 -10.05 -35.11
N PRO A 64 -25.02 -10.71 -35.99
CA PRO A 64 -24.42 -11.31 -37.18
C PRO A 64 -23.89 -10.28 -38.16
N ASP A 65 -24.46 -9.07 -38.08
CA ASP A 65 -24.09 -7.95 -38.90
C ASP A 65 -24.45 -6.66 -38.15
N VAL A 66 -23.97 -5.54 -38.66
CA VAL A 66 -24.15 -4.24 -37.98
C VAL A 66 -25.63 -3.91 -37.82
N GLU A 67 -26.40 -4.11 -38.89
CA GLU A 67 -27.80 -3.75 -38.90
C GLU A 67 -28.59 -4.52 -37.84
N SER A 68 -28.33 -5.81 -37.69
CA SER A 68 -29.05 -6.64 -36.72
C SER A 68 -28.63 -6.25 -35.31
N CYS A 69 -27.33 -6.05 -35.11
CA CYS A 69 -26.78 -5.67 -33.82
C CYS A 69 -27.44 -4.36 -33.30
N ALA A 70 -27.69 -3.44 -34.24
CA ALA A 70 -28.25 -2.12 -33.92
C ALA A 70 -29.65 -2.21 -33.35
N LYS A 71 -30.36 -3.28 -33.70
CA LYS A 71 -31.76 -3.46 -33.28
C LYS A 71 -31.89 -4.45 -32.11
N ASN A 72 -30.92 -5.35 -31.94
CA ASN A 72 -30.99 -6.41 -30.91
C ASN A 72 -30.30 -6.05 -29.61
N CYS A 73 -29.46 -5.01 -29.62
CA CYS A 73 -28.71 -4.58 -28.46
C CYS A 73 -29.16 -3.21 -28.02
N ILE A 74 -29.48 -3.09 -26.73
CA ILE A 74 -30.08 -1.92 -26.12
C ILE A 74 -29.13 -1.32 -25.09
N MET A 75 -28.95 -0.01 -25.19
CA MET A 75 -28.07 0.74 -24.28
C MET A 75 -28.94 1.65 -23.43
N GLU A 76 -29.01 1.38 -22.13
CA GLU A 76 -29.88 2.17 -21.24
C GLU A 76 -29.24 3.46 -20.81
N GLY A 77 -30.06 4.50 -20.69
CA GLY A 77 -29.65 5.71 -20.01
C GLY A 77 -29.37 5.44 -18.56
N ILE A 78 -28.48 6.26 -17.98
CA ILE A 78 -28.15 6.20 -16.56
C ILE A 78 -28.79 7.42 -15.87
N PRO A 79 -29.78 7.19 -15.03
CA PRO A 79 -30.48 8.29 -14.36
C PRO A 79 -29.85 8.74 -13.05
N ASP A 80 -28.88 7.98 -12.56
CA ASP A 80 -28.18 8.30 -11.33
C ASP A 80 -26.72 7.93 -11.48
N TYR A 81 -25.91 8.91 -11.88
CA TYR A 81 -24.48 8.69 -12.14
C TYR A 81 -23.70 8.33 -10.89
N SER A 82 -24.24 8.61 -9.72
CA SER A 82 -23.57 8.25 -8.47
C SER A 82 -23.41 6.74 -8.28
N GLN A 83 -24.24 5.97 -8.98
CA GLN A 83 -24.14 4.52 -8.98
C GLN A 83 -22.91 4.01 -9.70
N TYR A 84 -22.24 4.90 -10.44
CA TYR A 84 -21.04 4.57 -11.20
C TYR A 84 -19.86 5.32 -10.65
N GLY A 85 -20.00 5.86 -9.44
CA GLY A 85 -18.93 6.63 -8.82
C GLY A 85 -18.65 7.99 -9.41
N VAL A 86 -19.65 8.57 -10.08
CA VAL A 86 -19.44 9.85 -10.76
C VAL A 86 -20.40 10.88 -10.18
N THR A 87 -19.86 11.95 -9.58
CA THR A 87 -20.68 13.05 -9.07
C THR A 87 -19.99 14.35 -9.37
N THR A 88 -20.78 15.42 -9.46
CA THR A 88 -20.23 16.78 -9.57
C THR A 88 -20.83 17.67 -8.51
N ASN A 89 -20.08 18.74 -8.24
CA ASN A 89 -20.47 19.80 -7.31
C ASN A 89 -19.86 21.10 -7.83
N GLY A 90 -20.62 21.89 -8.58
CA GLY A 90 -20.14 23.14 -9.12
C GLY A 90 -19.06 22.90 -10.15
N THR A 91 -17.82 23.24 -9.80
CA THR A 91 -16.66 23.03 -10.69
C THR A 91 -15.86 21.78 -10.36
N SER A 92 -16.35 20.94 -9.45
CA SER A 92 -15.64 19.72 -9.08
C SER A 92 -16.31 18.47 -9.66
N LEU A 93 -15.46 17.56 -10.16
CA LEU A 93 -15.85 16.23 -10.60
C LEU A 93 -15.14 15.22 -9.72
N ARG A 94 -15.91 14.38 -9.03
CA ARG A 94 -15.40 13.31 -8.19
C ARG A 94 -15.59 11.97 -8.89
N LEU A 95 -14.50 11.22 -9.02
CA LEU A 95 -14.51 9.87 -9.56
C LEU A 95 -14.08 8.89 -8.48
N GLN A 96 -15.01 8.04 -8.06
CA GLN A 96 -14.77 7.00 -7.09
C GLN A 96 -14.49 5.71 -7.81
N HIS A 97 -13.33 5.09 -7.53
CA HIS A 97 -12.99 3.81 -8.17
C HIS A 97 -13.83 2.64 -7.62
N ILE A 98 -14.01 2.64 -6.29
CA ILE A 98 -14.73 1.62 -5.54
C ILE A 98 -15.77 2.32 -4.69
N LEU A 99 -17.00 1.79 -4.70
CA LEU A 99 -18.10 2.33 -3.90
C LEU A 99 -18.16 1.64 -2.53
N PRO A 100 -18.77 2.28 -1.54
CA PRO A 100 -18.87 1.63 -0.21
C PRO A 100 -19.41 0.20 -0.25
N ASP A 101 -20.33 -0.11 -1.16
CA ASP A 101 -20.87 -1.46 -1.27
C ASP A 101 -20.00 -2.48 -2.00
N GLY A 102 -18.81 -2.05 -2.42
CA GLY A 102 -17.81 -2.96 -2.98
C GLY A 102 -17.83 -3.04 -4.51
N ARG A 103 -18.78 -2.35 -5.17
CA ARG A 103 -18.72 -2.27 -6.62
C ARG A 103 -17.47 -1.49 -7.02
N VAL A 104 -16.90 -1.84 -8.17
CA VAL A 104 -15.68 -1.21 -8.70
C VAL A 104 -16.03 -0.60 -10.05
N PRO A 105 -16.73 0.54 -10.06
CA PRO A 105 -17.14 1.11 -11.34
C PRO A 105 -16.01 1.61 -12.21
N SER A 106 -14.88 2.00 -11.63
CA SER A 106 -13.72 2.47 -12.40
C SER A 106 -14.15 3.38 -13.56
N PRO A 107 -14.87 4.46 -13.25
CA PRO A 107 -15.50 5.24 -14.30
C PRO A 107 -14.56 5.93 -15.26
N ARG A 108 -14.98 5.97 -16.54
CA ARG A 108 -14.38 6.81 -17.59
C ARG A 108 -15.48 7.69 -18.17
N VAL A 109 -15.23 9.00 -18.21
CA VAL A 109 -16.19 9.99 -18.66
C VAL A 109 -15.60 10.94 -19.67
N TYR A 110 -16.47 11.56 -20.46
CA TYR A 110 -16.10 12.61 -21.44
C TYR A 110 -16.85 13.90 -21.14
N LEU A 111 -16.27 15.00 -21.60
CA LEU A 111 -16.86 16.30 -21.41
C LEU A 111 -17.73 16.66 -22.64
N LEU A 112 -19.02 16.84 -22.38
CA LEU A 112 -20.00 17.30 -23.39
C LEU A 112 -20.10 18.79 -23.38
N ASP A 113 -20.46 19.35 -24.53
CA ASP A 113 -20.79 20.77 -24.61
C ASP A 113 -22.16 21.02 -23.99
N LYS A 114 -22.54 22.29 -23.93
CA LYS A 114 -23.75 22.70 -23.24
C LYS A 114 -25.05 22.14 -23.82
N THR A 115 -24.99 21.62 -25.04
CA THR A 115 -26.17 21.02 -25.68
C THR A 115 -26.38 19.56 -25.35
N LYS A 116 -25.37 18.94 -24.75
CA LYS A 116 -25.34 17.49 -24.45
C LYS A 116 -25.25 16.59 -25.69
N ARG A 117 -25.16 17.17 -26.88
CA ARG A 117 -25.19 16.33 -28.09
C ARG A 117 -23.94 16.39 -28.94
N ARG A 118 -22.94 17.09 -28.44
CA ARG A 118 -21.63 17.14 -29.08
C ARG A 118 -20.59 17.22 -27.96
N TYR A 119 -19.48 16.52 -28.10
CA TYR A 119 -18.40 16.69 -27.16
C TYR A 119 -17.85 18.11 -27.23
N GLU A 120 -17.36 18.60 -26.10
CA GLU A 120 -16.67 19.88 -26.09
C GLU A 120 -15.35 19.67 -26.77
N MET A 121 -15.14 20.27 -27.92
CA MET A 121 -13.90 20.04 -28.65
C MET A 121 -12.86 21.06 -28.20
N LEU A 122 -11.74 20.54 -27.75
CA LEU A 122 -10.64 21.38 -27.30
C LEU A 122 -9.57 21.44 -28.41
N HIS A 123 -9.04 22.65 -28.64
CA HIS A 123 -8.05 22.91 -29.68
C HIS A 123 -6.87 23.57 -28.99
N LEU A 124 -5.91 22.78 -28.49
CA LEU A 124 -4.96 23.27 -27.48
C LEU A 124 -3.59 23.70 -27.96
N THR A 125 -3.25 23.47 -29.24
CA THR A 125 -1.94 23.91 -29.75
C THR A 125 -1.89 25.44 -29.68
N GLY A 126 -0.89 25.96 -28.97
CA GLY A 126 -0.72 27.41 -28.73
C GLY A 126 -1.50 27.92 -27.54
N PHE A 127 -2.05 27.03 -26.72
CA PHE A 127 -2.87 27.38 -25.55
C PHE A 127 -2.43 26.54 -24.36
N GLU A 128 -3.13 26.72 -23.24
CA GLU A 128 -2.83 25.95 -22.05
C GLU A 128 -4.11 25.43 -21.40
N PHE A 129 -3.95 24.29 -20.75
CA PHE A 129 -5.03 23.61 -20.03
C PHE A 129 -4.58 23.38 -18.61
N THR A 130 -5.45 23.72 -17.67
CA THR A 130 -5.13 23.71 -16.23
C THR A 130 -6.29 23.12 -15.44
N PHE A 131 -5.94 22.46 -14.34
CA PHE A 131 -6.95 21.93 -13.44
C PHE A 131 -6.37 21.83 -12.05
N ASP A 132 -7.27 21.76 -11.06
CA ASP A 132 -6.90 21.49 -9.67
C ASP A 132 -7.23 20.03 -9.35
N VAL A 133 -6.45 19.42 -8.48
CA VAL A 133 -6.65 18.01 -8.20
C VAL A 133 -6.39 17.69 -6.73
N ASP A 134 -7.14 16.70 -6.22
CA ASP A 134 -6.87 16.09 -4.92
C ASP A 134 -6.53 14.64 -5.23
N ALA A 135 -5.25 14.29 -5.05
CA ALA A 135 -4.69 12.97 -5.37
C ALA A 135 -4.40 12.14 -4.12
N THR A 136 -4.86 12.61 -2.95
CA THR A 136 -4.48 11.97 -1.68
C THR A 136 -4.88 10.49 -1.57
N LYS A 137 -6.03 10.15 -2.15
CA LYS A 137 -6.54 8.78 -2.06
C LYS A 137 -6.18 7.90 -3.24
N LEU A 138 -5.02 8.18 -3.84
CA LEU A 138 -4.50 7.41 -4.96
C LEU A 138 -3.14 6.81 -4.56
N PRO A 139 -3.12 5.58 -4.07
CA PRO A 139 -1.85 4.93 -3.76
C PRO A 139 -1.18 4.34 -4.97
N CYS A 140 0.00 3.78 -4.75
CA CYS A 140 0.69 2.98 -5.75
C CYS A 140 -0.26 2.08 -6.52
N GLY A 141 -0.11 2.03 -7.84
CA GLY A 141 -0.93 1.16 -8.68
C GLY A 141 -2.19 1.81 -9.24
N MET A 142 -2.65 2.89 -8.63
CA MET A 142 -3.82 3.60 -9.18
C MET A 142 -3.40 4.56 -10.28
N ASN A 143 -4.25 4.70 -11.29
CA ASN A 143 -4.06 5.70 -12.35
C ASN A 143 -5.32 6.59 -12.37
N SER A 144 -5.16 7.85 -11.94
CA SER A 144 -6.15 8.85 -12.26
C SER A 144 -5.68 9.51 -13.56
N ALA A 145 -6.57 9.54 -14.56
CA ALA A 145 -6.20 10.02 -15.88
C ALA A 145 -7.11 11.18 -16.31
N LEU A 146 -6.51 12.09 -17.06
CA LEU A 146 -7.18 13.25 -17.65
C LEU A 146 -6.44 13.43 -18.95
N TYR A 147 -7.11 13.22 -20.07
CA TYR A 147 -6.41 13.11 -21.35
C TYR A 147 -7.33 13.41 -22.50
N LEU A 148 -6.75 13.52 -23.69
CA LEU A 148 -7.47 13.88 -24.90
C LEU A 148 -7.37 12.76 -25.90
N SER A 149 -8.48 12.43 -26.54
CA SER A 149 -8.51 11.47 -27.64
C SER A 149 -9.18 12.11 -28.84
N GLU A 150 -8.75 11.73 -30.04
CA GLU A 150 -9.32 12.32 -31.27
C GLU A 150 -10.60 11.60 -31.71
N MET A 151 -11.59 11.65 -30.82
CA MET A 151 -12.91 11.12 -31.05
C MET A 151 -13.73 12.06 -31.91
N HIS A 152 -14.74 11.50 -32.57
CA HIS A 152 -15.61 12.25 -33.46
C HIS A 152 -16.51 13.14 -32.62
N PRO A 153 -16.77 14.39 -33.02
CA PRO A 153 -17.48 15.31 -32.12
C PRO A 153 -18.89 14.92 -31.71
N THR A 154 -19.62 14.20 -32.55
CA THR A 154 -20.95 13.71 -32.13
C THR A 154 -20.92 12.25 -31.74
N GLY A 155 -19.72 11.72 -31.48
CA GLY A 155 -19.60 10.31 -31.22
C GLY A 155 -19.97 9.47 -32.42
N ALA A 156 -19.85 10.07 -33.61
CA ALA A 156 -20.22 9.44 -34.88
C ALA A 156 -21.70 9.04 -34.88
N LYS A 157 -22.56 9.96 -34.47
CA LYS A 157 -23.99 9.70 -34.55
C LYS A 157 -24.32 9.34 -36.01
N SER A 158 -25.16 8.35 -36.20
CA SER A 158 -25.47 7.80 -37.51
C SER A 158 -26.75 6.99 -37.44
N LYS A 159 -27.21 6.46 -38.58
CA LYS A 159 -28.44 5.69 -38.64
C LYS A 159 -28.50 4.56 -37.62
N TYR A 160 -27.43 3.78 -37.51
CA TYR A 160 -27.41 2.66 -36.57
C TYR A 160 -26.93 3.07 -35.18
N ASN A 161 -26.37 4.28 -35.06
CA ASN A 161 -25.97 4.89 -33.78
C ASN A 161 -26.70 6.20 -33.53
N PRO A 162 -27.99 6.16 -33.25
CA PRO A 162 -28.72 7.40 -32.98
C PRO A 162 -28.31 8.05 -31.65
N GLY A 163 -27.78 7.27 -30.72
CA GLY A 163 -27.41 7.81 -29.41
C GLY A 163 -26.30 8.85 -29.46
N GLY A 164 -25.20 8.51 -30.13
CA GLY A 164 -24.10 9.44 -30.29
C GLY A 164 -23.44 9.86 -28.98
N ALA A 165 -22.91 11.07 -28.98
CA ALA A 165 -22.18 11.61 -27.84
C ALA A 165 -23.02 11.72 -26.58
N TYR A 166 -24.33 11.93 -26.74
CA TYR A 166 -25.25 12.00 -25.60
C TYR A 166 -25.15 10.73 -24.76
N TYR A 167 -24.79 9.58 -25.37
CA TYR A 167 -24.61 8.32 -24.65
C TYR A 167 -23.14 7.90 -24.59
N GLY A 168 -22.22 8.81 -24.93
CA GLY A 168 -20.80 8.53 -24.81
C GLY A 168 -20.22 7.60 -25.83
N THR A 169 -20.77 7.54 -27.04
CA THR A 169 -20.22 6.67 -28.08
C THR A 169 -18.96 7.26 -28.73
N GLY A 170 -18.21 6.38 -29.38
CA GLY A 170 -17.08 6.82 -30.17
C GLY A 170 -15.69 6.79 -29.54
N TYR A 171 -15.54 6.19 -28.34
CA TYR A 171 -14.23 6.16 -27.72
C TYR A 171 -13.16 5.50 -28.59
N CYS A 172 -11.95 6.05 -28.52
CA CYS A 172 -10.76 5.47 -29.10
C CYS A 172 -9.55 5.96 -28.31
N ASP A 173 -8.43 5.27 -28.45
CA ASP A 173 -7.18 5.73 -27.88
C ASP A 173 -6.01 5.06 -28.61
N ALA A 174 -4.80 5.38 -28.19
CA ALA A 174 -3.59 4.95 -28.90
C ALA A 174 -3.24 3.48 -28.70
N GLN A 175 -4.05 2.75 -27.92
CA GLN A 175 -3.85 1.32 -27.72
C GLN A 175 -4.57 0.44 -28.73
N CYS A 176 -5.46 1.00 -29.54
CA CYS A 176 -6.16 0.24 -30.58
C CYS A 176 -6.87 -0.99 -29.99
N PHE A 177 -7.52 -0.85 -28.84
CA PHE A 177 -8.23 -1.96 -28.22
C PHE A 177 -9.45 -2.37 -29.03
N VAL A 178 -9.78 -3.66 -28.95
CA VAL A 178 -10.99 -4.19 -29.54
C VAL A 178 -12.14 -4.04 -28.56
N THR A 179 -13.18 -3.33 -28.98
CA THR A 179 -14.42 -3.23 -28.19
C THR A 179 -15.58 -3.74 -29.03
N PRO A 180 -16.63 -4.28 -28.37
CA PRO A 180 -17.73 -4.88 -29.17
C PRO A 180 -18.54 -3.91 -30.01
N PHE A 181 -18.49 -2.63 -29.66
CA PHE A 181 -19.02 -1.56 -30.52
C PHE A 181 -17.92 -0.53 -30.70
N ILE A 182 -17.83 0.02 -31.90
CA ILE A 182 -16.93 1.13 -32.20
C ILE A 182 -17.76 2.17 -32.94
N ASN A 183 -17.70 3.43 -32.52
CA ASN A 183 -18.53 4.48 -33.12
C ASN A 183 -20.01 4.10 -33.08
N GLY A 184 -20.40 3.44 -32.01
CA GLY A 184 -21.77 3.04 -31.79
C GLY A 184 -22.28 1.95 -32.70
N LEU A 185 -21.38 1.25 -33.40
CA LEU A 185 -21.75 0.21 -34.34
C LEU A 185 -21.14 -1.12 -33.91
N GLY A 186 -21.90 -2.21 -34.07
CA GLY A 186 -21.34 -3.52 -33.75
C GLY A 186 -20.04 -3.77 -34.52
N ASN A 187 -18.99 -4.19 -33.80
CA ASN A 187 -17.66 -4.35 -34.37
C ASN A 187 -17.50 -5.82 -34.81
N ILE A 188 -18.21 -6.15 -35.88
CA ILE A 188 -18.40 -7.54 -36.30
C ILE A 188 -17.07 -8.22 -36.59
N GLU A 189 -16.15 -7.48 -37.19
CA GLU A 189 -14.85 -8.05 -37.56
C GLU A 189 -13.79 -7.97 -36.47
N GLY A 190 -14.13 -7.43 -35.31
CA GLY A 190 -13.18 -7.41 -34.20
C GLY A 190 -11.98 -6.52 -34.46
N LYS A 191 -12.20 -5.37 -35.11
CA LYS A 191 -11.16 -4.36 -35.34
C LYS A 191 -10.82 -3.62 -34.06
N GLY A 192 -9.68 -2.98 -34.03
CA GLY A 192 -9.30 -2.14 -32.88
C GLY A 192 -9.66 -0.68 -33.11
N SER A 193 -9.86 0.03 -32.01
CA SER A 193 -10.33 1.40 -32.05
C SER A 193 -9.19 2.39 -31.77
N CYS A 194 -8.57 2.88 -32.83
CA CYS A 194 -7.34 3.63 -32.72
C CYS A 194 -7.54 5.13 -32.89
N CYS A 195 -6.84 5.92 -32.09
CA CYS A 195 -6.70 7.37 -32.39
C CYS A 195 -5.59 8.01 -31.56
N ASN A 196 -5.14 9.15 -32.05
CA ASN A 196 -4.20 9.99 -31.35
C ASN A 196 -4.70 10.25 -29.94
N SER A 197 -3.80 10.24 -28.97
CA SER A 197 -4.16 10.48 -27.57
C SER A 197 -3.09 11.34 -26.92
N MET A 198 -3.49 12.42 -26.25
CA MET A 198 -2.55 13.26 -25.50
C MET A 198 -2.79 13.06 -24.02
N ASP A 199 -1.89 12.35 -23.35
CA ASP A 199 -2.10 12.08 -21.93
C ASP A 199 -1.57 13.26 -21.13
N ILE A 200 -2.46 14.23 -20.85
CA ILE A 200 -2.12 15.39 -20.05
C ILE A 200 -1.67 14.89 -18.69
N TRP A 201 -2.47 14.01 -18.09
CA TRP A 201 -2.25 13.59 -16.70
C TRP A 201 -2.58 12.12 -16.54
N GLU A 202 -1.59 11.35 -16.08
CA GLU A 202 -1.79 10.00 -15.56
C GLU A 202 -0.97 9.99 -14.29
N ALA A 203 -1.64 9.88 -13.14
CA ALA A 203 -0.93 10.10 -11.90
C ALA A 203 -1.63 9.51 -10.71
N ASN A 204 -0.87 9.34 -9.63
CA ASN A 204 -1.39 9.04 -8.32
C ASN A 204 -0.63 9.90 -7.33
N SER A 205 -0.70 9.58 -6.04
CA SER A 205 0.00 10.43 -5.05
C SER A 205 1.50 10.19 -5.00
N ARG A 206 1.98 9.17 -5.72
CA ARG A 206 3.37 8.77 -5.71
C ARG A 206 4.14 9.17 -6.99
N ALA A 207 3.45 9.33 -8.12
CA ALA A 207 4.11 9.67 -9.39
C ALA A 207 3.16 10.39 -10.30
N SER A 208 3.74 11.25 -11.12
CA SER A 208 3.03 12.04 -12.11
C SER A 208 3.67 11.89 -13.50
N HIS A 209 2.86 11.47 -14.46
CA HIS A 209 3.30 11.15 -15.82
C HIS A 209 2.51 11.95 -16.85
N VAL A 210 3.21 12.48 -17.85
CA VAL A 210 2.64 13.15 -19.01
C VAL A 210 3.13 12.42 -20.25
N ALA A 211 2.28 12.20 -21.26
CA ALA A 211 2.75 11.54 -22.49
C ALA A 211 1.88 11.81 -23.68
N PRO A 212 2.42 12.43 -24.73
CA PRO A 212 1.75 12.40 -26.02
C PRO A 212 1.91 11.02 -26.68
N HIS A 213 0.87 10.56 -27.38
CA HIS A 213 0.89 9.31 -28.17
C HIS A 213 0.40 9.62 -29.58
N THR A 214 1.27 9.52 -30.59
CA THR A 214 0.88 9.79 -31.96
C THR A 214 0.34 8.55 -32.68
N CYS A 215 -0.52 8.80 -33.65
CA CYS A 215 -0.90 7.81 -34.63
C CYS A 215 -0.72 8.41 -36.03
N ASN A 216 -0.53 7.56 -37.05
CA ASN A 216 -0.38 8.06 -38.43
C ASN A 216 -1.70 8.12 -39.21
N LYS A 217 -2.80 8.12 -38.45
CA LYS A 217 -4.16 8.22 -38.96
C LYS A 217 -4.88 9.33 -38.24
N LYS A 218 -5.76 10.05 -38.93
CA LYS A 218 -6.56 11.12 -38.34
C LYS A 218 -7.87 10.61 -37.79
N GLY A 219 -8.23 11.07 -36.59
CA GLY A 219 -9.48 10.61 -35.93
C GLY A 219 -9.47 9.13 -35.68
N LEU A 220 -10.65 8.55 -35.51
CA LEU A 220 -10.79 7.15 -35.21
C LEU A 220 -10.53 6.29 -36.44
N TYR A 221 -9.57 5.39 -36.30
CA TYR A 221 -9.24 4.44 -37.36
C TYR A 221 -9.46 3.03 -36.85
N LEU A 222 -10.23 2.26 -37.59
CA LEU A 222 -10.47 0.87 -37.26
C LEU A 222 -9.36 0.02 -37.84
N CYS A 223 -8.49 -0.47 -36.97
CA CYS A 223 -7.32 -1.23 -37.42
C CYS A 223 -7.62 -2.70 -37.57
N GLU A 224 -6.87 -3.35 -38.47
CA GLU A 224 -6.91 -4.80 -38.55
C GLU A 224 -5.51 -5.40 -38.49
N GLY A 225 -5.42 -6.56 -37.84
CA GLY A 225 -4.18 -7.33 -37.83
C GLY A 225 -3.03 -6.51 -37.31
N GLU A 226 -1.94 -6.46 -38.07
CA GLU A 226 -0.74 -5.82 -37.64
C GLU A 226 -0.88 -4.30 -37.45
N GLU A 227 -1.89 -3.71 -38.06
CA GLU A 227 -2.15 -2.28 -37.84
C GLU A 227 -2.41 -1.96 -36.38
N CYS A 228 -2.96 -2.91 -35.64
CA CYS A 228 -3.28 -2.73 -34.23
C CYS A 228 -2.10 -2.97 -33.29
N ALA A 229 -1.00 -3.48 -33.84
CA ALA A 229 0.14 -3.93 -33.06
C ALA A 229 1.20 -2.85 -32.86
N PHE A 230 2.30 -3.22 -32.22
CA PHE A 230 3.31 -2.23 -31.83
C PHE A 230 3.92 -1.50 -33.02
N GLU A 231 4.14 -2.21 -34.14
CA GLU A 231 4.67 -1.55 -35.36
C GLU A 231 3.59 -1.09 -36.32
N GLY A 232 2.38 -0.87 -35.78
CA GLY A 232 1.21 -0.47 -36.54
C GLY A 232 0.99 1.04 -36.58
N VAL A 233 -0.28 1.44 -36.49
CA VAL A 233 -0.67 2.82 -36.75
C VAL A 233 -0.56 3.76 -35.56
N CYS A 234 -0.50 3.23 -34.34
CA CYS A 234 -0.46 4.05 -33.15
C CYS A 234 0.71 3.71 -32.23
N ASP A 235 1.13 4.75 -31.52
CA ASP A 235 2.22 4.72 -30.53
C ASP A 235 1.71 4.32 -29.16
N LYS A 236 1.88 3.04 -28.83
CA LYS A 236 1.37 2.49 -27.58
C LYS A 236 2.09 3.08 -26.37
N ASN A 237 3.40 3.24 -26.48
CA ASN A 237 4.19 3.65 -25.32
C ASN A 237 4.09 5.15 -25.00
N GLY A 238 4.02 5.97 -26.03
CA GLY A 238 4.01 7.42 -25.87
C GLY A 238 5.41 7.95 -25.61
N CYS A 239 5.52 9.28 -25.56
CA CYS A 239 6.77 9.90 -25.10
C CYS A 239 6.58 10.34 -23.65
N GLY A 240 7.07 9.52 -22.73
CA GLY A 240 6.81 9.69 -21.32
C GLY A 240 7.66 10.75 -20.64
N TRP A 241 7.02 11.53 -19.77
CA TRP A 241 7.65 12.57 -18.97
C TRP A 241 7.26 12.36 -17.49
N ASN A 242 8.24 11.98 -16.70
CA ASN A 242 8.03 11.64 -15.27
C ASN A 242 9.33 12.01 -14.57
N ASN A 243 9.26 12.88 -13.57
CA ASN A 243 10.51 13.31 -12.90
C ASN A 243 11.41 12.15 -12.48
N TYR A 244 10.85 11.05 -11.99
CA TYR A 244 11.65 9.92 -11.58
C TYR A 244 12.46 9.31 -12.70
N ARG A 245 11.88 9.26 -13.90
CA ARG A 245 12.52 8.64 -15.02
C ARG A 245 13.71 9.47 -15.52
N VAL A 246 13.74 10.74 -15.15
CA VAL A 246 14.84 11.64 -15.49
C VAL A 246 15.68 12.04 -14.27
N ASN A 247 15.61 11.20 -13.24
CA ASN A 247 16.53 11.24 -12.08
C ASN A 247 16.34 12.47 -11.19
N VAL A 248 15.10 12.83 -10.99
CA VAL A 248 14.70 13.87 -10.07
C VAL A 248 13.73 13.23 -9.08
N THR A 249 14.14 13.10 -7.81
CA THR A 249 13.35 12.29 -6.84
C THR A 249 12.59 13.10 -5.82
N ASP A 250 12.89 14.39 -5.71
CA ASP A 250 12.30 15.21 -4.66
C ASP A 250 11.22 16.15 -5.13
N TYR A 251 10.67 15.87 -6.32
CA TYR A 251 9.78 16.83 -6.97
C TYR A 251 8.30 16.65 -6.62
N TYR A 252 7.88 15.41 -6.43
CA TYR A 252 6.46 15.09 -6.41
C TYR A 252 6.23 13.88 -5.52
N GLY A 253 5.45 14.03 -4.44
CA GLY A 253 5.25 12.90 -3.57
C GLY A 253 4.53 13.26 -2.29
N ARG A 254 4.31 12.24 -1.46
CA ARG A 254 3.55 12.40 -0.20
C ARG A 254 4.46 12.97 0.90
N GLY A 255 4.34 14.27 1.15
CA GLY A 255 5.06 14.91 2.27
C GLY A 255 5.67 16.25 1.90
N GLU A 256 6.07 16.98 2.94
CA GLU A 256 6.62 18.33 2.78
C GLU A 256 7.99 18.36 2.12
N GLU A 257 8.66 17.21 2.08
CA GLU A 257 9.98 17.12 1.45
C GLU A 257 9.91 17.08 -0.08
N PHE A 258 8.70 17.05 -0.65
CA PHE A 258 8.52 17.10 -2.11
C PHE A 258 8.05 18.49 -2.52
N LYS A 259 8.53 18.96 -3.65
CA LYS A 259 8.14 20.27 -4.15
C LYS A 259 6.62 20.38 -4.34
N VAL A 260 6.02 19.31 -4.88
CA VAL A 260 4.58 19.19 -5.00
C VAL A 260 4.19 18.10 -4.01
N ASN A 261 3.50 18.51 -2.94
CA ASN A 261 3.13 17.64 -1.83
C ASN A 261 1.74 17.08 -2.04
N THR A 262 1.68 15.80 -2.41
CA THR A 262 0.42 15.18 -2.78
C THR A 262 -0.49 14.83 -1.60
N LEU A 263 -0.07 15.15 -0.37
CA LEU A 263 -0.99 15.10 0.78
C LEU A 263 -2.00 16.23 0.77
N LYS A 264 -1.79 17.24 -0.07
CA LYS A 264 -2.69 18.38 -0.18
C LYS A 264 -3.07 18.59 -1.65
N PRO A 265 -4.20 19.26 -1.92
CA PRO A 265 -4.55 19.61 -3.30
C PRO A 265 -3.54 20.53 -3.96
N PHE A 266 -3.53 20.51 -5.29
CA PHE A 266 -2.63 21.36 -6.07
C PHE A 266 -3.19 21.59 -7.45
N THR A 267 -2.57 22.52 -8.17
CA THR A 267 -2.95 22.91 -9.50
C THR A 267 -1.91 22.41 -10.48
N VAL A 268 -2.38 21.97 -11.63
CA VAL A 268 -1.58 21.33 -12.68
C VAL A 268 -1.76 22.12 -13.98
N VAL A 269 -0.67 22.72 -14.48
CA VAL A 269 -0.71 23.56 -15.67
C VAL A 269 0.04 22.87 -16.80
N THR A 270 -0.59 22.81 -17.99
CA THR A 270 0.03 22.20 -19.17
C THR A 270 -0.07 23.14 -20.35
N GLN A 271 1.08 23.59 -20.86
CA GLN A 271 1.14 24.51 -21.99
C GLN A 271 1.63 23.77 -23.25
N PHE A 272 0.97 24.07 -24.36
CA PHE A 272 1.25 23.47 -25.64
C PHE A 272 1.84 24.56 -26.53
N LEU A 273 3.16 24.67 -26.50
CA LEU A 273 3.87 25.80 -27.10
C LEU A 273 4.17 25.54 -28.56
N ALA A 274 3.76 26.48 -29.40
CA ALA A 274 3.91 26.36 -30.84
C ALA A 274 5.10 27.18 -31.35
N ASN A 275 5.63 26.76 -32.50
CA ASN A 275 6.72 27.51 -33.15
C ASN A 275 6.14 28.60 -34.01
N ARG A 276 6.96 29.38 -34.71
CA ARG A 276 6.39 30.57 -35.34
C ARG A 276 5.52 30.28 -36.58
N ARG A 277 5.52 29.04 -37.05
CA ARG A 277 4.55 28.66 -38.09
C ARG A 277 3.36 27.88 -37.62
N GLY A 278 3.15 27.83 -36.31
CA GLY A 278 1.88 27.42 -35.75
C GLY A 278 1.82 25.94 -35.38
N LYS A 279 2.94 25.25 -35.53
CA LYS A 279 3.03 23.82 -35.19
C LYS A 279 3.52 23.62 -33.77
N LEU A 280 3.06 22.55 -33.12
CA LEU A 280 3.50 22.25 -31.76
C LEU A 280 4.98 21.89 -31.72
N GLU A 281 5.71 22.50 -30.78
CA GLU A 281 7.14 22.27 -30.57
C GLU A 281 7.48 21.71 -29.18
N LYS A 282 6.77 22.16 -28.15
CA LYS A 282 7.13 21.83 -26.79
C LYS A 282 5.86 21.68 -25.95
N ILE A 283 5.91 20.78 -24.98
CA ILE A 283 4.82 20.66 -24.00
C ILE A 283 5.45 20.90 -22.64
N HIS A 284 4.86 21.84 -21.89
CA HIS A 284 5.46 22.34 -20.64
C HIS A 284 4.48 22.13 -19.46
N ARG A 285 4.94 21.40 -18.45
CA ARG A 285 4.15 21.10 -17.25
C ARG A 285 4.77 21.74 -16.03
N PHE A 286 3.97 22.54 -15.32
CA PHE A 286 4.39 23.05 -14.01
C PHE A 286 3.18 23.05 -13.09
N TYR A 287 3.38 23.39 -11.83
CA TYR A 287 2.35 23.23 -10.84
C TYR A 287 2.19 24.51 -10.04
N VAL A 288 1.12 24.61 -9.27
CA VAL A 288 0.93 25.70 -8.29
C VAL A 288 0.38 25.05 -7.05
N GLN A 289 0.91 25.40 -5.88
CA GLN A 289 0.41 24.86 -4.62
C GLN A 289 0.62 25.91 -3.55
N ASP A 290 -0.40 26.08 -2.71
CA ASP A 290 -0.36 27.07 -1.62
C ASP A 290 -0.07 28.45 -2.20
N GLY A 291 -0.58 28.70 -3.39
CA GLY A 291 -0.47 30.01 -4.02
C GLY A 291 0.88 30.31 -4.64
N LYS A 292 1.80 29.35 -4.65
CA LYS A 292 3.14 29.53 -5.19
C LYS A 292 3.30 28.71 -6.45
N VAL A 293 3.84 29.31 -7.50
CA VAL A 293 4.21 28.58 -8.70
C VAL A 293 5.41 27.70 -8.41
N ILE A 294 5.29 26.44 -8.84
CA ILE A 294 6.34 25.46 -8.73
C ILE A 294 6.77 25.15 -10.16
N GLU A 295 7.91 25.67 -10.56
CA GLU A 295 8.38 25.49 -11.91
C GLU A 295 8.70 24.04 -12.17
N SER A 296 8.66 23.65 -13.45
CA SER A 296 9.07 22.32 -13.80
C SER A 296 10.50 22.05 -13.37
N PHE A 297 10.75 20.81 -12.97
CA PHE A 297 12.11 20.28 -12.93
C PHE A 297 12.70 20.29 -14.32
N TYR A 298 14.03 20.25 -14.34
CA TYR A 298 14.81 19.94 -15.53
C TYR A 298 15.26 18.48 -15.41
N THR A 299 15.47 17.83 -16.54
CA THR A 299 16.03 16.50 -16.55
C THR A 299 17.40 16.55 -15.85
N ASN A 300 17.77 15.42 -15.27
CA ASN A 300 18.94 15.38 -14.38
C ASN A 300 19.67 14.06 -14.55
N LYS A 301 19.76 13.58 -15.79
CA LYS A 301 20.15 12.20 -16.06
C LYS A 301 21.16 12.08 -17.19
N GLU A 302 22.26 11.36 -16.95
CA GLU A 302 23.29 11.17 -17.97
C GLU A 302 22.67 10.55 -19.21
N GLY A 303 22.97 11.13 -20.37
CA GLY A 303 22.48 10.64 -21.63
C GLY A 303 21.12 11.16 -22.04
N VAL A 304 20.50 11.95 -21.18
CA VAL A 304 19.19 12.56 -21.47
C VAL A 304 19.43 14.05 -21.69
N PRO A 305 18.96 14.59 -22.78
CA PRO A 305 19.10 16.01 -23.04
C PRO A 305 18.60 16.86 -21.89
N TYR A 306 19.32 17.94 -21.55
CA TYR A 306 18.94 18.84 -20.46
C TYR A 306 17.77 19.68 -20.94
N THR A 307 16.60 19.51 -20.32
CA THR A 307 15.41 20.21 -20.76
C THR A 307 14.41 20.25 -19.62
N ASN A 308 13.51 21.22 -19.64
CA ASN A 308 12.35 21.28 -18.73
C ASN A 308 11.02 21.12 -19.49
N MET A 309 11.09 20.66 -20.73
CA MET A 309 9.91 20.50 -21.55
C MET A 309 10.02 19.27 -22.45
N ILE A 310 8.87 18.68 -22.79
CA ILE A 310 8.81 17.58 -23.75
C ILE A 310 8.99 18.17 -25.16
N ASP A 311 9.91 17.61 -25.93
CA ASP A 311 10.09 18.00 -27.33
C ASP A 311 10.69 16.83 -28.09
N ASP A 312 10.84 16.99 -29.41
CA ASP A 312 11.38 15.90 -30.22
C ASP A 312 12.75 15.44 -29.76
N GLU A 313 13.64 16.38 -29.43
CA GLU A 313 14.97 16.00 -28.97
C GLU A 313 14.89 15.04 -27.78
N PHE A 314 14.09 15.43 -26.78
CA PHE A 314 13.92 14.59 -25.62
C PHE A 314 13.30 13.24 -25.96
N CYS A 315 12.23 13.27 -26.76
CA CYS A 315 11.53 12.04 -27.08
C CYS A 315 12.39 11.03 -27.85
N GLU A 316 13.15 11.52 -28.81
CA GLU A 316 14.04 10.66 -29.56
C GLU A 316 15.14 10.09 -28.68
N ALA A 317 15.73 10.93 -27.84
CA ALA A 317 16.86 10.51 -26.99
C ALA A 317 16.46 9.48 -25.96
N THR A 318 15.20 9.51 -25.53
CA THR A 318 14.71 8.58 -24.51
C THR A 318 14.05 7.33 -25.14
N GLY A 319 14.22 7.14 -26.44
CA GLY A 319 13.81 5.90 -27.06
C GLY A 319 12.35 5.79 -27.50
N SER A 320 11.68 6.92 -27.64
CA SER A 320 10.27 6.96 -28.02
C SER A 320 10.11 6.82 -29.53
N ARG A 321 10.47 5.65 -30.03
CA ARG A 321 10.65 5.48 -31.46
C ARG A 321 9.33 5.59 -32.20
N LYS A 322 8.30 4.88 -31.74
CA LYS A 322 7.03 4.96 -32.47
C LYS A 322 6.40 6.35 -32.41
N TYR A 323 6.60 7.05 -31.29
CA TYR A 323 6.14 8.44 -31.21
C TYR A 323 6.68 9.26 -32.36
N MET A 324 7.98 9.11 -32.60
CA MET A 324 8.65 9.86 -33.65
C MET A 324 8.24 9.35 -35.04
N GLU A 325 8.18 8.04 -35.23
CA GLU A 325 7.81 7.45 -36.51
C GLU A 325 6.39 7.77 -36.94
N LEU A 326 5.50 7.95 -35.98
CA LEU A 326 4.07 8.09 -36.30
C LEU A 326 3.60 9.54 -36.26
N GLY A 327 4.53 10.50 -36.16
CA GLY A 327 4.21 11.91 -36.39
C GLY A 327 5.01 12.92 -35.61
N ALA A 328 5.65 12.48 -34.53
CA ALA A 328 6.46 13.37 -33.68
C ALA A 328 5.59 14.47 -33.05
N THR A 329 6.24 15.49 -32.49
CA THR A 329 5.52 16.55 -31.77
C THR A 329 4.62 17.34 -32.72
N GLN A 330 5.08 17.58 -33.95
CA GLN A 330 4.24 18.25 -34.94
C GLN A 330 2.96 17.46 -35.18
N GLY A 331 3.06 16.14 -35.36
CA GLY A 331 1.90 15.30 -35.59
C GLY A 331 0.94 15.29 -34.43
N MET A 332 1.48 15.22 -33.21
CA MET A 332 0.61 15.32 -32.02
C MET A 332 -0.13 16.65 -32.05
N GLY A 333 0.59 17.73 -32.35
CA GLY A 333 -0.05 19.05 -32.39
C GLY A 333 -1.08 19.20 -33.49
N GLU A 334 -0.90 18.51 -34.61
CA GLU A 334 -1.87 18.58 -35.68
C GLU A 334 -3.18 17.94 -35.24
N ALA A 335 -3.10 16.86 -34.48
CA ALA A 335 -4.33 16.27 -33.88
C ALA A 335 -4.96 17.24 -32.89
N LEU A 336 -4.15 17.85 -32.04
CA LEU A 336 -4.66 18.83 -31.08
C LEU A 336 -5.38 19.98 -31.79
N THR A 337 -4.80 20.46 -32.89
CA THR A 337 -5.38 21.57 -33.66
C THR A 337 -6.68 21.17 -34.33
N ARG A 338 -6.78 19.92 -34.82
CA ARG A 338 -8.04 19.46 -35.42
C ARG A 338 -9.17 19.41 -34.41
N GLY A 339 -8.82 19.17 -33.15
CA GLY A 339 -9.81 19.12 -32.06
C GLY A 339 -9.83 17.76 -31.40
N MET A 340 -9.91 17.76 -30.07
CA MET A 340 -9.88 16.53 -29.27
C MET A 340 -10.94 16.58 -28.20
N VAL A 341 -11.37 15.39 -27.79
CA VAL A 341 -12.32 15.19 -26.70
C VAL A 341 -11.57 14.92 -25.39
N LEU A 342 -12.06 15.53 -24.32
CA LEU A 342 -11.51 15.34 -22.98
C LEU A 342 -12.12 14.13 -22.29
N ALA A 343 -11.26 13.22 -21.86
CA ALA A 343 -11.62 12.03 -21.12
C ALA A 343 -10.98 12.07 -19.74
N MET A 344 -11.71 11.61 -18.74
CA MET A 344 -11.23 11.52 -17.36
C MET A 344 -11.63 10.17 -16.80
N SER A 345 -10.68 9.50 -16.12
CA SER A 345 -10.96 8.15 -15.62
C SER A 345 -10.15 7.84 -14.39
N ILE A 346 -10.52 6.75 -13.73
CA ILE A 346 -9.76 6.20 -12.64
C ILE A 346 -9.74 4.71 -12.83
N TRP A 347 -8.57 4.10 -12.73
CA TRP A 347 -8.43 2.68 -13.08
C TRP A 347 -7.21 2.03 -12.42
N TRP A 348 -7.20 0.70 -12.39
CA TRP A 348 -6.08 -0.09 -11.90
C TRP A 348 -5.78 -1.20 -12.89
N ASP A 349 -4.69 -1.92 -12.63
CA ASP A 349 -4.06 -2.80 -13.63
C ASP A 349 -3.74 -4.17 -13.01
N GLN A 350 -4.68 -5.11 -13.15
CA GLN A 350 -4.48 -6.46 -12.63
C GLN A 350 -3.28 -7.17 -13.26
N GLY A 351 -3.06 -6.98 -14.54
CA GLY A 351 -1.93 -7.64 -15.19
C GLY A 351 -0.63 -7.20 -14.58
N GLY A 352 -0.37 -5.90 -14.70
CA GLY A 352 0.96 -5.37 -14.55
C GLY A 352 1.15 -4.35 -13.45
N ASN A 353 0.16 -4.17 -12.59
CA ASN A 353 0.29 -3.33 -11.38
C ASN A 353 0.63 -1.86 -11.64
N MET A 354 0.44 -1.39 -12.86
CA MET A 354 0.75 0.01 -13.22
C MET A 354 2.23 0.33 -12.96
N GLU A 355 3.11 -0.66 -13.10
CA GLU A 355 4.52 -0.45 -12.76
C GLU A 355 5.16 0.66 -13.57
N TRP A 356 4.72 0.85 -14.81
CA TRP A 356 5.27 1.89 -15.66
C TRP A 356 5.02 3.30 -15.14
N LEU A 357 4.01 3.45 -14.28
CA LEU A 357 3.65 4.74 -13.72
C LEU A 357 4.51 5.10 -12.50
N ASP A 358 4.76 4.14 -11.60
CA ASP A 358 5.26 4.52 -10.29
C ASP A 358 6.28 3.57 -9.65
N HIS A 359 6.82 2.63 -10.43
CA HIS A 359 7.74 1.63 -9.88
C HIS A 359 9.03 1.69 -10.66
N GLY A 360 10.16 1.43 -9.97
CA GLY A 360 11.43 1.27 -10.67
C GLY A 360 11.98 2.57 -11.11
N GLU A 361 12.14 2.71 -12.43
CA GLU A 361 12.50 4.01 -13.01
C GLU A 361 11.48 5.12 -12.81
N ALA A 362 10.22 4.73 -12.55
CA ALA A 362 9.09 5.64 -12.58
C ALA A 362 8.60 6.14 -11.21
N GLY A 363 9.11 5.55 -10.12
CA GLY A 363 8.67 6.01 -8.81
C GLY A 363 9.11 5.14 -7.67
N PRO A 364 8.55 5.42 -6.50
CA PRO A 364 9.00 4.79 -5.26
C PRO A 364 8.28 3.50 -4.88
N CYS A 365 7.33 3.04 -5.70
CA CYS A 365 6.48 1.92 -5.33
C CYS A 365 7.24 0.62 -5.46
N ALA A 366 7.03 -0.30 -4.50
CA ALA A 366 7.73 -1.59 -4.49
C ALA A 366 7.07 -2.59 -5.43
N LYS A 367 7.82 -3.62 -5.81
CA LYS A 367 7.26 -4.77 -6.50
C LYS A 367 6.06 -5.29 -5.72
N GLY A 368 4.96 -5.52 -6.43
CA GLY A 368 3.74 -6.02 -5.83
C GLY A 368 2.87 -4.96 -5.16
N GLU A 369 3.40 -3.77 -4.92
CA GLU A 369 2.68 -2.78 -4.11
C GLU A 369 1.44 -2.25 -4.84
N GLY A 370 1.51 -2.18 -6.15
CA GLY A 370 0.42 -1.66 -6.97
C GLY A 370 -0.57 -2.69 -7.47
N ALA A 371 -0.46 -3.93 -7.01
CA ALA A 371 -1.46 -4.95 -7.30
C ALA A 371 -2.80 -4.53 -6.71
N PRO A 372 -3.90 -4.66 -7.46
CA PRO A 372 -5.22 -4.39 -6.91
C PRO A 372 -5.50 -5.04 -5.56
N SER A 373 -5.03 -6.27 -5.37
CA SER A 373 -5.23 -6.95 -4.09
C SER A 373 -4.55 -6.23 -2.92
N ASN A 374 -3.44 -5.54 -3.18
CA ASN A 374 -2.79 -4.71 -2.17
C ASN A 374 -3.37 -3.30 -2.07
N ILE A 375 -3.71 -2.70 -3.21
CA ILE A 375 -4.33 -1.36 -3.21
C ILE A 375 -5.45 -1.29 -2.17
N VAL A 376 -6.36 -2.27 -2.17
CA VAL A 376 -7.50 -2.20 -1.28
C VAL A 376 -7.17 -2.38 0.19
N GLN A 377 -6.00 -2.92 0.47
CA GLN A 377 -5.51 -3.02 1.83
C GLN A 377 -4.88 -1.72 2.28
N VAL A 378 -4.43 -0.89 1.35
CA VAL A 378 -3.85 0.41 1.65
C VAL A 378 -4.89 1.54 1.68
N GLU A 379 -5.71 1.57 0.65
CA GLU A 379 -6.76 2.56 0.50
C GLU A 379 -7.99 1.80 0.00
N PRO A 380 -8.95 1.50 0.87
CA PRO A 380 -10.09 0.67 0.44
C PRO A 380 -10.99 1.32 -0.61
N PHE A 381 -11.02 2.64 -0.66
CA PHE A 381 -11.89 3.36 -1.59
C PHE A 381 -11.14 4.46 -2.34
N PRO A 382 -10.27 4.07 -3.27
CA PRO A 382 -9.55 5.10 -4.03
C PRO A 382 -10.51 6.01 -4.80
N GLU A 383 -10.11 7.27 -4.94
CA GLU A 383 -10.91 8.28 -5.63
C GLU A 383 -10.01 9.46 -6.00
N VAL A 384 -10.50 10.25 -6.95
CA VAL A 384 -9.84 11.49 -7.36
C VAL A 384 -10.92 12.54 -7.54
N THR A 385 -10.57 13.79 -7.29
CA THR A 385 -11.43 14.92 -7.65
C THR A 385 -10.64 15.92 -8.49
N TYR A 386 -11.21 16.28 -9.63
CA TYR A 386 -10.67 17.29 -10.55
C TYR A 386 -11.57 18.52 -10.40
N THR A 387 -10.98 19.69 -10.24
CA THR A 387 -11.73 20.91 -9.98
C THR A 387 -11.25 22.07 -10.87
N ASN A 388 -12.19 22.92 -11.29
CA ASN A 388 -11.84 24.17 -12.00
C ASN A 388 -11.07 23.86 -13.29
N LEU A 389 -11.59 22.94 -14.10
CA LEU A 389 -11.04 22.70 -15.41
C LEU A 389 -11.10 24.00 -16.18
N ARG A 390 -9.98 24.40 -16.78
CA ARG A 390 -9.92 25.70 -17.39
C ARG A 390 -8.85 25.73 -18.48
N TRP A 391 -9.14 26.40 -19.58
CA TRP A 391 -8.19 26.45 -20.67
C TRP A 391 -8.28 27.74 -21.46
N GLY A 392 -7.18 28.10 -22.10
CA GLY A 392 -7.15 29.33 -22.87
C GLY A 392 -5.76 29.86 -23.09
N GLU A 393 -5.64 31.19 -23.08
CA GLU A 393 -4.40 31.86 -23.46
C GLU A 393 -3.27 31.52 -22.52
N ILE A 394 -2.07 31.34 -23.09
CA ILE A 394 -0.87 31.10 -22.33
C ILE A 394 -0.73 32.18 -21.25
N GLY A 395 -0.51 31.74 -20.03
CA GLY A 395 -0.33 32.60 -18.88
C GLY A 395 -1.60 33.01 -18.17
N SER A 396 -2.76 32.70 -18.72
CA SER A 396 -4.03 33.23 -18.21
C SER A 396 -4.78 32.33 -17.24
N THR A 397 -4.41 31.06 -17.15
CA THR A 397 -5.21 30.14 -16.33
C THR A 397 -4.80 30.06 -14.88
N TYR A 398 -3.68 30.63 -14.50
CA TYR A 398 -3.19 30.43 -13.14
C TYR A 398 -2.80 31.75 -12.52
N GLN A 399 -2.21 31.78 -11.44
N PCA B 1 -9.12 -18.98 10.01
CA PCA B 1 -10.34 -19.64 10.48
CB PCA B 1 -10.01 -20.24 11.85
CG PCA B 1 -8.68 -19.64 12.28
CD PCA B 1 -8.18 -18.90 11.09
OE PCA B 1 -7.11 -18.33 10.98
C PCA B 1 -11.52 -18.65 10.53
O PCA B 1 -11.32 -17.45 10.65
N LYS B 2 -12.74 -19.16 10.48
CA LYS B 2 -13.93 -18.31 10.48
C LYS B 2 -14.22 -17.74 11.86
N PRO B 3 -14.40 -16.41 12.00
CA PRO B 3 -14.85 -15.86 13.28
C PRO B 3 -16.14 -16.49 13.77
N GLY B 4 -16.18 -16.80 15.05
CA GLY B 4 -17.37 -17.41 15.68
C GLY B 4 -18.32 -16.38 16.23
N GLU B 5 -19.27 -16.86 17.04
CA GLU B 5 -20.30 -16.01 17.59
C GLU B 5 -19.87 -15.06 18.67
N THR B 6 -18.94 -15.50 19.52
CA THR B 6 -18.61 -14.75 20.71
C THR B 6 -17.93 -13.45 20.36
N LYS B 7 -18.31 -12.40 21.04
CA LYS B 7 -17.76 -11.09 20.74
C LYS B 7 -16.33 -10.97 21.25
N GLU B 8 -15.48 -10.38 20.42
CA GLU B 8 -14.13 -10.01 20.79
C GLU B 8 -14.16 -8.65 21.48
N VAL B 9 -13.63 -8.58 22.69
CA VAL B 9 -13.60 -7.35 23.47
C VAL B 9 -12.12 -7.00 23.73
N HIS B 10 -11.57 -6.14 22.91
CA HIS B 10 -10.14 -5.81 23.01
C HIS B 10 -9.90 -4.85 24.17
N PRO B 11 -8.90 -5.11 25.01
CA PRO B 11 -8.46 -4.10 25.95
C PRO B 11 -7.94 -2.88 25.23
N GLN B 12 -8.22 -1.70 25.79
CA GLN B 12 -7.68 -0.47 25.29
C GLN B 12 -6.37 -0.14 25.97
N LEU B 13 -5.42 0.40 25.23
CA LEU B 13 -4.15 0.84 25.78
C LEU B 13 -3.82 2.20 25.19
N THR B 14 -3.60 3.19 26.08
CA THR B 14 -3.11 4.50 25.65
C THR B 14 -1.61 4.46 25.54
N THR B 15 -1.10 4.90 24.39
CA THR B 15 0.33 4.99 24.12
C THR B 15 0.65 6.44 23.73
N PHE B 16 1.88 6.73 23.36
CA PHE B 16 2.27 8.11 23.05
C PHE B 16 3.11 8.22 21.79
N ARG B 17 2.99 9.37 21.13
CA ARG B 17 3.83 9.75 19.99
C ARG B 17 4.55 11.01 20.44
N CYS B 18 5.87 11.04 20.29
CA CYS B 18 6.70 12.07 20.89
C CYS B 18 7.52 12.85 19.84
N THR B 19 7.63 14.16 20.03
CA THR B 19 8.56 14.99 19.27
C THR B 19 9.30 15.88 20.24
N LYS B 20 10.45 16.41 19.81
CA LYS B 20 11.16 17.36 20.66
C LYS B 20 10.36 18.65 20.92
N ARG B 21 9.69 19.17 19.87
CA ARG B 21 8.91 20.40 19.97
C ARG B 21 7.63 20.23 20.78
N GLY B 22 6.96 19.09 20.59
CA GLY B 22 5.66 18.88 21.18
C GLY B 22 5.59 17.99 22.41
N GLY B 23 6.70 17.35 22.77
CA GLY B 23 6.65 16.33 23.82
C GLY B 23 5.85 15.10 23.42
N CYS B 24 5.38 14.36 24.40
CA CYS B 24 4.65 13.10 24.17
C CYS B 24 3.14 13.30 24.25
N LYS B 25 2.43 12.93 23.19
CA LYS B 25 0.99 13.14 23.11
C LYS B 25 0.30 11.77 23.05
N PRO B 26 -0.78 11.62 23.79
CA PRO B 26 -1.45 10.31 23.86
C PRO B 26 -2.20 9.90 22.60
N ALA B 27 -2.27 8.59 22.40
CA ALA B 27 -2.94 7.97 21.27
C ALA B 27 -3.70 6.76 21.79
N THR B 28 -4.87 6.52 21.23
CA THR B 28 -5.67 5.36 21.58
C THR B 28 -5.25 4.17 20.71
N ASN B 29 -4.92 3.09 21.39
CA ASN B 29 -4.64 1.84 20.74
C ASN B 29 -5.42 0.70 21.41
N PHE B 30 -5.40 -0.48 20.78
CA PHE B 30 -6.06 -1.65 21.35
C PHE B 30 -5.10 -2.85 21.35
N ILE B 31 -5.45 -3.86 22.11
CA ILE B 31 -4.65 -5.07 22.29
C ILE B 31 -5.41 -6.28 21.79
N VAL B 32 -4.73 -7.13 21.03
CA VAL B 32 -5.34 -8.35 20.49
C VAL B 32 -4.44 -9.56 20.73
N LEU B 33 -5.05 -10.66 21.18
CA LEU B 33 -4.32 -11.91 21.37
C LEU B 33 -4.07 -12.59 20.04
N ASP B 34 -3.00 -13.36 19.97
CA ASP B 34 -2.77 -14.12 18.75
C ASP B 34 -4.01 -14.90 18.32
N SER B 35 -4.28 -14.92 17.01
CA SER B 35 -5.42 -15.65 16.47
C SER B 35 -5.50 -17.09 17.00
N LEU B 36 -4.37 -17.80 16.98
CA LEU B 36 -4.37 -19.21 17.33
C LEU B 36 -4.36 -19.47 18.83
N SER B 37 -4.38 -18.39 19.62
CA SER B 37 -4.59 -18.49 21.05
C SER B 37 -6.07 -18.30 21.41
N HIS B 38 -6.90 -17.88 20.44
CA HIS B 38 -8.33 -17.91 20.60
C HIS B 38 -8.80 -19.37 20.57
N PRO B 39 -9.97 -19.67 21.12
CA PRO B 39 -10.50 -21.03 20.95
C PRO B 39 -10.77 -21.35 19.47
N ILE B 40 -10.22 -22.47 19.00
CA ILE B 40 -10.36 -22.93 17.62
C ILE B 40 -11.07 -24.28 17.67
N HIS B 41 -12.25 -24.35 17.08
CA HIS B 41 -13.00 -25.59 17.10
C HIS B 41 -13.62 -25.83 15.73
N ARG B 42 -14.09 -27.04 15.50
CA ARG B 42 -14.73 -27.35 14.24
C ARG B 42 -16.17 -26.85 14.14
N ALA B 43 -16.62 -26.67 12.89
CA ALA B 43 -18.00 -26.33 12.60
C ALA B 43 -18.95 -27.39 13.11
N GLU B 44 -20.23 -27.03 13.19
CA GLU B 44 -21.24 -27.91 13.74
C GLU B 44 -21.28 -29.22 13.02
N GLY B 45 -21.45 -30.27 13.79
CA GLY B 45 -21.56 -31.60 13.25
C GLY B 45 -20.29 -32.27 12.83
N LEU B 46 -19.15 -31.59 12.93
CA LEU B 46 -17.87 -32.15 12.46
C LEU B 46 -17.08 -32.76 13.59
N GLY B 47 -17.60 -32.65 14.80
CA GLY B 47 -17.02 -33.35 15.94
C GLY B 47 -15.97 -32.54 16.65
N PRO B 48 -15.32 -33.16 17.64
CA PRO B 48 -14.31 -32.51 18.43
C PRO B 48 -12.93 -32.59 17.72
N GLY B 49 -11.90 -31.99 18.29
CA GLY B 49 -10.52 -32.17 17.82
C GLY B 49 -9.74 -30.98 17.30
N GLY B 50 -10.39 -29.85 17.15
CA GLY B 50 -9.69 -28.62 16.73
C GLY B 50 -9.19 -28.67 15.30
N CYS B 51 -8.38 -27.68 14.92
CA CYS B 51 -7.88 -27.59 13.58
C CYS B 51 -6.36 -27.50 13.52
N GLY B 52 -5.72 -28.21 14.46
CA GLY B 52 -4.29 -28.41 14.44
C GLY B 52 -3.57 -27.75 15.60
N ASP B 53 -2.47 -28.37 15.99
CA ASP B 53 -1.64 -27.88 17.07
C ASP B 53 -0.43 -27.17 16.49
N TRP B 54 0.20 -26.36 17.33
CA TRP B 54 1.40 -25.64 16.96
C TRP B 54 2.45 -26.62 16.45
N GLY B 55 3.11 -26.25 15.36
CA GLY B 55 4.14 -27.06 14.75
C GLY B 55 3.66 -27.93 13.59
N ASN B 56 2.37 -27.93 13.34
CA ASN B 56 1.75 -28.83 12.35
C ASN B 56 0.88 -28.10 11.35
N PRO B 57 0.67 -28.71 10.18
CA PRO B 57 -0.40 -28.28 9.29
C PRO B 57 -1.72 -28.62 9.97
N PRO B 58 -2.82 -28.06 9.47
CA PRO B 58 -4.11 -28.42 10.01
C PRO B 58 -4.50 -29.82 9.52
N PRO B 59 -5.38 -30.51 10.23
CA PRO B 59 -5.73 -31.88 9.88
C PRO B 59 -6.45 -31.97 8.55
N LYS B 60 -6.13 -33.02 7.78
CA LYS B 60 -6.74 -33.21 6.47
C LYS B 60 -8.25 -33.53 6.51
N ASP B 61 -8.76 -34.09 7.61
CA ASP B 61 -10.18 -34.44 7.65
C ASP B 61 -11.05 -33.20 7.43
N VAL B 62 -10.72 -32.07 8.08
CA VAL B 62 -11.50 -30.84 7.96
C VAL B 62 -10.84 -29.79 7.08
N CYS B 63 -9.54 -29.95 6.81
CA CYS B 63 -8.80 -28.99 6.03
C CYS B 63 -8.03 -29.64 4.88
N PRO B 64 -8.73 -30.27 3.94
CA PRO B 64 -8.06 -30.79 2.74
C PRO B 64 -7.53 -29.68 1.81
N ASP B 65 -8.14 -28.50 1.88
CA ASP B 65 -7.75 -27.32 1.12
C ASP B 65 -8.16 -26.06 1.90
N VAL B 66 -7.73 -24.90 1.43
CA VAL B 66 -7.93 -23.64 2.15
C VAL B 66 -9.40 -23.27 2.26
N GLU B 67 -10.12 -23.52 1.18
CA GLU B 67 -11.52 -23.17 1.07
C GLU B 67 -12.34 -23.94 2.10
N SER B 68 -12.12 -25.25 2.16
CA SER B 68 -12.79 -26.09 3.12
C SER B 68 -12.44 -25.73 4.58
N CYS B 69 -11.15 -25.50 4.83
CA CYS B 69 -10.66 -25.15 6.15
C CYS B 69 -11.32 -23.87 6.66
N ALA B 70 -11.54 -22.92 5.75
CA ALA B 70 -12.13 -21.63 6.08
C ALA B 70 -13.56 -21.72 6.55
N LYS B 71 -14.28 -22.78 6.15
CA LYS B 71 -15.67 -22.98 6.56
C LYS B 71 -15.79 -24.01 7.69
N ASN B 72 -14.78 -24.86 7.85
CA ASN B 72 -14.89 -25.97 8.81
C ASN B 72 -14.23 -25.67 10.16
N CYS B 73 -13.48 -24.58 10.24
CA CYS B 73 -12.71 -24.24 11.44
C CYS B 73 -13.14 -22.86 11.88
N ILE B 74 -13.48 -22.77 13.15
CA ILE B 74 -14.07 -21.59 13.79
C ILE B 74 -13.15 -21.04 14.87
N MET B 75 -12.97 -19.72 14.86
CA MET B 75 -12.13 -19.02 15.80
C MET B 75 -13.04 -18.15 16.69
N GLU B 76 -13.20 -18.51 17.96
CA GLU B 76 -14.12 -17.78 18.83
C GLU B 76 -13.52 -16.50 19.37
N GLY B 77 -14.33 -15.44 19.43
CA GLY B 77 -13.92 -14.23 20.06
C GLY B 77 -13.74 -14.45 21.54
N ILE B 78 -12.90 -13.61 22.12
CA ILE B 78 -12.59 -13.61 23.54
C ILE B 78 -13.26 -12.38 24.14
N PRO B 79 -14.28 -12.57 24.97
CA PRO B 79 -15.01 -11.46 25.58
C PRO B 79 -14.41 -10.94 26.87
N ASP B 80 -13.45 -11.68 27.42
CA ASP B 80 -12.83 -11.27 28.68
C ASP B 80 -11.37 -11.68 28.66
N TYR B 81 -10.53 -10.71 28.28
CA TYR B 81 -9.10 -10.95 28.10
C TYR B 81 -8.39 -11.31 29.39
N SER B 82 -8.98 -10.97 30.53
CA SER B 82 -8.36 -11.33 31.81
C SER B 82 -8.25 -12.84 31.98
N GLN B 83 -9.10 -13.57 31.28
CA GLN B 83 -9.06 -15.04 31.32
C GLN B 83 -7.89 -15.62 30.53
N TYR B 84 -7.11 -14.76 29.86
CA TYR B 84 -5.88 -15.13 29.19
C TYR B 84 -4.71 -14.36 29.76
N GLY B 85 -4.86 -13.80 30.95
CA GLY B 85 -3.80 -13.08 31.62
C GLY B 85 -3.45 -11.74 31.02
N VAL B 86 -4.39 -11.13 30.31
CA VAL B 86 -4.15 -9.84 29.65
C VAL B 86 -5.14 -8.81 30.18
N THR B 87 -4.61 -7.77 30.82
CA THR B 87 -5.44 -6.65 31.26
C THR B 87 -4.70 -5.36 30.98
N THR B 88 -5.46 -4.27 30.86
CA THR B 88 -4.88 -2.95 30.78
C THR B 88 -5.48 -2.00 31.79
N ASN B 89 -4.73 -0.95 32.09
CA ASN B 89 -5.20 0.11 32.98
C ASN B 89 -4.56 1.41 32.48
N GLY B 90 -5.29 2.14 31.67
CA GLY B 90 -4.78 3.39 31.14
C GLY B 90 -3.64 3.16 30.17
N THR B 91 -2.43 3.50 30.61
CA THR B 91 -1.22 3.34 29.84
C THR B 91 -0.44 2.06 30.20
N SER B 92 -1.00 1.22 31.07
CA SER B 92 -0.29 -0.02 31.49
C SER B 92 -0.93 -1.27 30.88
N LEU B 93 -0.07 -2.20 30.46
CA LEU B 93 -0.46 -3.51 30.00
C LEU B 93 0.18 -4.53 30.94
N ARG B 94 -0.66 -5.38 31.54
CA ARG B 94 -0.19 -6.43 32.43
C ARG B 94 -0.35 -7.77 31.73
N LEU B 95 0.72 -8.55 31.69
CA LEU B 95 0.69 -9.91 31.13
C LEU B 95 1.04 -10.90 32.23
N GLN B 96 0.07 -11.74 32.54
CA GLN B 96 0.21 -12.79 33.57
C GLN B 96 0.46 -14.12 32.88
N HIS B 97 1.55 -14.79 33.25
CA HIS B 97 1.90 -16.09 32.66
C HIS B 97 0.99 -17.23 33.10
N ILE B 98 0.71 -17.23 34.40
CA ILE B 98 -0.07 -18.28 35.09
C ILE B 98 -1.24 -17.63 35.79
N LEU B 99 -2.40 -18.28 35.74
CA LEU B 99 -3.64 -17.78 36.34
C LEU B 99 -4.06 -18.66 37.52
N PRO B 100 -4.92 -18.10 38.37
CA PRO B 100 -5.44 -18.88 39.50
C PRO B 100 -6.21 -20.15 39.19
N ASP B 101 -6.81 -20.30 38.00
CA ASP B 101 -7.48 -21.54 37.55
C ASP B 101 -6.54 -22.66 37.12
N GLY B 102 -5.23 -22.37 37.17
CA GLY B 102 -4.22 -23.36 36.89
C GLY B 102 -3.72 -23.30 35.46
N ARG B 103 -4.36 -22.48 34.63
CA ARG B 103 -3.92 -22.38 33.25
C ARG B 103 -2.67 -21.52 33.18
N VAL B 104 -1.89 -21.80 32.14
CA VAL B 104 -0.67 -21.07 31.84
C VAL B 104 -0.91 -20.44 30.47
N PRO B 105 -1.67 -19.34 30.43
CA PRO B 105 -1.99 -18.76 29.15
C PRO B 105 -0.79 -18.23 28.36
N SER B 106 0.28 -17.83 29.03
CA SER B 106 1.49 -17.39 28.34
C SER B 106 1.13 -16.45 27.18
N PRO B 107 0.42 -15.36 27.46
CA PRO B 107 -0.13 -14.58 26.36
C PRO B 107 0.87 -13.89 25.44
N ARG B 108 0.53 -13.84 24.14
CA ARG B 108 1.18 -13.03 23.14
C ARG B 108 0.13 -12.15 22.49
N VAL B 109 0.37 -10.84 22.51
CA VAL B 109 -0.55 -9.87 21.98
C VAL B 109 0.12 -8.92 20.99
N TYR B 110 -0.70 -8.30 20.15
CA TYR B 110 -0.25 -7.26 19.22
C TYR B 110 -0.97 -5.95 19.48
N LEU B 111 -0.34 -4.85 19.07
CA LEU B 111 -0.94 -3.51 19.18
C LEU B 111 -1.74 -3.14 17.93
N LEU B 112 -3.04 -2.94 18.10
CA LEU B 112 -3.93 -2.50 17.04
C LEU B 112 -4.06 -1.00 17.05
N ASP B 113 -4.34 -0.46 15.86
CA ASP B 113 -4.65 0.96 15.74
C ASP B 113 -6.03 1.25 16.30
N LYS B 114 -6.41 2.54 16.28
CA LYS B 114 -7.66 2.95 16.88
C LYS B 114 -8.93 2.35 16.24
N THR B 115 -8.82 1.82 15.01
CA THR B 115 -9.96 1.23 14.33
C THR B 115 -10.21 -0.22 14.70
N LYS B 116 -9.24 -0.84 15.38
CA LYS B 116 -9.23 -2.27 15.69
C LYS B 116 -9.05 -3.20 14.50
N ARG B 117 -8.93 -2.66 13.29
CA ARG B 117 -8.89 -3.51 12.11
C ARG B 117 -7.56 -3.50 11.35
N ARG B 118 -6.59 -2.78 11.90
CA ARG B 118 -5.25 -2.72 11.35
C ARG B 118 -4.30 -2.66 12.50
N TYR B 119 -3.16 -3.33 12.38
CA TYR B 119 -2.10 -3.16 13.36
C TYR B 119 -1.57 -1.73 13.30
N GLU B 120 -1.15 -1.24 14.47
CA GLU B 120 -0.40 0.01 14.51
C GLU B 120 0.96 -0.23 13.89
N MET B 121 1.26 0.40 12.77
CA MET B 121 2.51 0.16 12.09
C MET B 121 3.55 1.16 12.60
N LEU B 122 4.65 0.63 13.15
CA LEU B 122 5.74 1.45 13.62
C LEU B 122 6.84 1.47 12.57
N HIS B 123 7.43 2.64 12.37
CA HIS B 123 8.49 2.87 11.38
C HIS B 123 9.63 3.54 12.09
N LEU B 124 10.53 2.71 12.65
CA LEU B 124 11.43 3.17 13.70
C LEU B 124 12.84 3.55 13.28
N THR B 125 13.26 3.25 12.05
CA THR B 125 14.60 3.70 11.58
C THR B 125 14.70 5.20 11.66
N GLY B 126 15.69 5.70 12.41
CA GLY B 126 15.86 7.14 12.66
C GLY B 126 15.07 7.71 13.80
N PHE B 127 14.42 6.83 14.58
CA PHE B 127 13.55 7.20 15.70
C PHE B 127 13.89 6.36 16.94
N GLU B 128 13.14 6.56 18.02
CA GLU B 128 13.37 5.79 19.25
C GLU B 128 12.03 5.30 19.82
N PHE B 129 12.12 4.19 20.52
CA PHE B 129 10.99 3.55 21.17
C PHE B 129 11.37 3.35 22.62
N THR B 130 10.47 3.75 23.51
CA THR B 130 10.68 3.71 24.94
C THR B 130 9.50 3.14 25.66
N PHE B 131 9.77 2.48 26.80
CA PHE B 131 8.69 2.02 27.68
C PHE B 131 9.19 1.92 29.10
N ASP B 132 8.26 1.90 30.03
CA ASP B 132 8.58 1.62 31.42
C ASP B 132 8.17 0.19 31.72
N VAL B 133 8.89 -0.44 32.66
CA VAL B 133 8.66 -1.86 32.94
C VAL B 133 8.82 -2.17 34.41
N ASP B 134 8.04 -3.13 34.89
CA ASP B 134 8.24 -3.76 36.21
C ASP B 134 8.55 -5.22 35.92
N ALA B 135 9.81 -5.59 36.15
CA ALA B 135 10.34 -6.92 35.89
C ALA B 135 10.53 -7.74 37.15
N THR B 136 10.05 -7.25 38.28
CA THR B 136 10.34 -7.88 39.58
C THR B 136 9.87 -9.34 39.69
N LYS B 137 8.75 -9.66 39.05
CA LYS B 137 8.19 -11.00 39.13
C LYS B 137 8.59 -11.89 37.96
N LEU B 138 9.79 -11.66 37.42
CA LEU B 138 10.34 -12.47 36.34
C LEU B 138 11.66 -13.10 36.80
N PRO B 139 11.62 -14.31 37.34
CA PRO B 139 12.85 -14.98 37.72
C PRO B 139 13.58 -15.62 36.52
N CYS B 140 14.72 -16.23 36.82
CA CYS B 140 15.44 -17.04 35.86
C CYS B 140 14.49 -17.89 35.05
N GLY B 141 14.74 -17.97 33.74
CA GLY B 141 13.97 -18.81 32.85
C GLY B 141 12.74 -18.18 32.24
N MET B 142 12.26 -17.09 32.80
CA MET B 142 11.15 -16.37 32.18
C MET B 142 11.65 -15.42 31.10
N ASN B 143 10.86 -15.27 30.04
CA ASN B 143 11.12 -14.31 28.98
C ASN B 143 9.90 -13.41 28.86
N SER B 144 10.07 -12.15 29.29
CA SER B 144 9.14 -11.11 28.91
C SER B 144 9.66 -10.46 27.66
N ALA B 145 8.82 -10.41 26.61
CA ALA B 145 9.25 -9.95 25.32
C ALA B 145 8.42 -8.78 24.84
N LEU B 146 9.08 -7.86 24.14
CA LEU B 146 8.46 -6.69 23.49
C LEU B 146 9.28 -6.52 22.21
N TYR B 147 8.65 -6.76 21.06
CA TYR B 147 9.41 -6.89 19.83
C TYR B 147 8.57 -6.56 18.63
N LEU B 148 9.23 -6.45 17.49
CA LEU B 148 8.56 -6.13 16.24
C LEU B 148 8.68 -7.28 15.27
N SER B 149 7.59 -7.56 14.55
CA SER B 149 7.62 -8.54 13.45
C SER B 149 7.01 -7.88 12.23
N GLU B 150 7.51 -8.25 11.05
CA GLU B 150 7.01 -7.67 9.81
C GLU B 150 5.74 -8.38 9.32
N MET B 151 4.69 -8.26 10.12
CA MET B 151 3.38 -8.79 9.83
C MET B 151 2.63 -7.83 8.91
N HIS B 152 1.66 -8.38 8.21
CA HIS B 152 0.82 -7.61 7.29
C HIS B 152 -0.10 -6.68 8.06
N PRO B 153 -0.27 -5.43 7.62
CA PRO B 153 -1.00 -4.46 8.43
C PRO B 153 -2.44 -4.78 8.77
N THR B 154 -3.14 -5.51 7.91
CA THR B 154 -4.53 -5.91 8.22
C THR B 154 -4.59 -7.36 8.69
N GLY B 155 -3.44 -7.95 8.99
CA GLY B 155 -3.37 -9.38 9.30
C GLY B 155 -3.71 -10.23 8.08
N ALA B 156 -3.47 -9.65 6.90
CA ALA B 156 -3.78 -10.27 5.61
C ALA B 156 -5.27 -10.64 5.51
N LYS B 157 -6.12 -9.68 5.85
CA LYS B 157 -7.56 -9.86 5.69
C LYS B 157 -7.83 -10.23 4.23
N SER B 158 -8.67 -11.24 4.02
CA SER B 158 -8.93 -11.76 2.69
C SER B 158 -10.24 -12.53 2.70
N LYS B 159 -10.67 -12.94 1.50
CA LYS B 159 -11.85 -13.76 1.27
C LYS B 159 -12.07 -14.82 2.37
N TYR B 160 -11.06 -15.64 2.56
CA TYR B 160 -11.16 -16.76 3.51
C TYR B 160 -10.67 -16.43 4.93
N ASN B 161 -10.12 -15.24 5.08
CA ASN B 161 -9.72 -14.68 6.39
C ASN B 161 -10.42 -13.35 6.63
N PRO B 162 -11.73 -13.38 6.86
CA PRO B 162 -12.45 -12.13 7.14
C PRO B 162 -12.08 -11.51 8.50
N GLY B 163 -11.57 -12.34 9.41
CA GLY B 163 -11.20 -11.88 10.73
C GLY B 163 -10.09 -10.85 10.74
N GLY B 164 -8.98 -11.18 10.08
CA GLY B 164 -7.86 -10.27 9.97
C GLY B 164 -7.26 -9.84 11.30
N ALA B 165 -6.70 -8.63 11.34
CA ALA B 165 -6.02 -8.15 12.53
C ALA B 165 -6.94 -8.03 13.73
N TYR B 166 -8.24 -7.83 13.53
CA TYR B 166 -9.21 -7.77 14.62
C TYR B 166 -9.18 -9.03 15.48
N TYR B 167 -8.76 -10.14 14.88
CA TYR B 167 -8.62 -11.42 15.57
C TYR B 167 -7.16 -11.84 15.69
N GLY B 168 -6.23 -10.94 15.40
CA GLY B 168 -4.82 -11.24 15.59
C GLY B 168 -4.21 -12.20 14.60
N THR B 169 -4.69 -12.22 13.37
CA THR B 169 -4.12 -13.09 12.35
C THR B 169 -2.82 -12.55 11.77
N GLY B 170 -2.05 -13.43 11.16
CA GLY B 170 -0.86 -13.01 10.44
C GLY B 170 0.47 -13.04 11.18
N TYR B 171 0.55 -13.66 12.36
CA TYR B 171 1.82 -13.73 13.08
C TYR B 171 2.93 -14.40 12.28
N CYS B 172 4.14 -13.88 12.43
CA CYS B 172 5.35 -14.49 11.89
C CYS B 172 6.53 -14.02 12.74
N ASP B 173 7.63 -14.73 12.66
CA ASP B 173 8.87 -14.26 13.27
C ASP B 173 10.05 -14.95 12.62
N ALA B 174 11.24 -14.67 13.10
CA ALA B 174 12.43 -15.16 12.45
C ALA B 174 12.72 -16.65 12.68
N GLN B 175 11.87 -17.32 13.46
CA GLN B 175 12.04 -18.77 13.66
C GLN B 175 11.36 -19.63 12.62
N CYS B 176 10.54 -19.03 11.75
CA CYS B 176 9.92 -19.79 10.67
C CYS B 176 9.13 -21.00 11.17
N PHE B 177 8.42 -20.85 12.29
CA PHE B 177 7.64 -21.95 12.84
C PHE B 177 6.47 -22.33 11.94
N VAL B 178 6.13 -23.63 11.96
CA VAL B 178 4.96 -24.12 11.27
C VAL B 178 3.76 -23.96 12.19
N THR B 179 2.77 -23.20 11.74
CA THR B 179 1.50 -23.10 12.44
C THR B 179 0.35 -23.54 11.55
N PRO B 180 -0.73 -24.08 12.13
CA PRO B 180 -1.77 -24.67 11.28
C PRO B 180 -2.52 -23.67 10.40
N PHE B 181 -2.52 -22.39 10.79
CA PHE B 181 -2.97 -21.30 9.94
C PHE B 181 -1.82 -20.33 9.79
N ILE B 182 -1.68 -19.77 8.59
CA ILE B 182 -0.76 -18.66 8.31
C ILE B 182 -1.57 -17.60 7.57
N ASN B 183 -1.46 -16.34 8.00
CA ASN B 183 -2.25 -15.28 7.39
C ASN B 183 -3.76 -15.60 7.39
N GLY B 184 -4.22 -16.26 8.46
CA GLY B 184 -5.60 -16.62 8.58
C GLY B 184 -6.10 -17.69 7.66
N LEU B 185 -5.20 -18.39 6.99
CA LEU B 185 -5.57 -19.45 6.02
C LEU B 185 -4.98 -20.77 6.44
N GLY B 186 -5.70 -21.86 6.21
CA GLY B 186 -5.17 -23.18 6.57
C GLY B 186 -3.86 -23.43 5.85
N ASN B 187 -2.84 -23.88 6.59
CA ASN B 187 -1.49 -24.06 6.09
C ASN B 187 -1.36 -25.50 5.61
N ILE B 188 -2.01 -25.76 4.49
CA ILE B 188 -2.23 -27.11 4.01
C ILE B 188 -0.91 -27.83 3.77
N GLU B 189 0.09 -27.10 3.28
CA GLU B 189 1.38 -27.69 2.94
C GLU B 189 2.39 -27.66 4.07
N GLY B 190 1.98 -27.21 5.25
CA GLY B 190 2.89 -27.22 6.39
C GLY B 190 4.13 -26.37 6.25
N LYS B 191 3.99 -25.19 5.66
CA LYS B 191 5.11 -24.25 5.54
C LYS B 191 5.36 -23.53 6.85
N GLY B 192 6.53 -22.93 6.94
CA GLY B 192 6.88 -22.12 8.11
C GLY B 192 6.54 -20.64 7.89
N SER B 193 6.29 -19.93 8.99
CA SER B 193 5.84 -18.54 8.95
C SER B 193 6.99 -17.58 9.30
N CYS B 194 7.69 -17.10 8.27
CA CYS B 194 8.94 -16.37 8.44
C CYS B 194 8.77 -14.88 8.26
N CYS B 195 9.45 -14.10 9.09
CA CYS B 195 9.63 -12.68 8.79
C CYS B 195 10.70 -12.09 9.66
N ASN B 196 11.23 -10.94 9.19
CA ASN B 196 12.17 -10.11 9.96
C ASN B 196 11.59 -9.81 11.33
N SER B 197 12.42 -9.84 12.36
CA SER B 197 11.96 -9.59 13.72
C SER B 197 13.01 -8.75 14.42
N MET B 198 12.61 -7.66 15.06
CA MET B 198 13.52 -6.85 15.88
C MET B 198 13.16 -7.05 17.33
N ASP B 199 14.04 -7.74 18.07
CA ASP B 199 13.76 -8.00 19.47
C ASP B 199 14.25 -6.84 20.31
N ILE B 200 13.37 -5.87 20.50
CA ILE B 200 13.68 -4.73 21.33
C ILE B 200 14.06 -5.21 22.72
N TRP B 201 13.21 -6.06 23.31
CA TRP B 201 13.37 -6.48 24.69
C TRP B 201 13.00 -7.94 24.82
N GLU B 202 13.93 -8.73 25.34
CA GLU B 202 13.66 -10.08 25.84
C GLU B 202 14.42 -10.09 27.15
N ALA B 203 13.71 -10.21 28.25
CA ALA B 203 14.36 -9.97 29.53
C ALA B 203 13.58 -10.53 30.70
N ASN B 204 14.29 -10.70 31.81
CA ASN B 204 13.68 -10.96 33.10
C ASN B 204 14.40 -10.11 34.12
N SER B 205 14.25 -10.39 35.41
CA SER B 205 14.91 -9.58 36.43
C SER B 205 16.41 -9.91 36.56
N ARG B 206 16.88 -10.92 35.82
CA ARG B 206 18.26 -11.38 35.92
C ARG B 206 19.12 -11.03 34.70
N ALA B 207 18.50 -10.83 33.54
CA ALA B 207 19.22 -10.54 32.30
C ALA B 207 18.35 -9.79 31.33
N SER B 208 18.99 -8.98 30.50
CA SER B 208 18.33 -8.14 29.48
C SER B 208 19.06 -8.31 28.16
N HIS B 209 18.30 -8.71 27.15
CA HIS B 209 18.80 -9.05 25.80
C HIS B 209 18.08 -8.22 24.75
N VAL B 210 18.84 -7.71 23.78
CA VAL B 210 18.33 -7.02 22.60
C VAL B 210 18.87 -7.76 21.39
N ALA B 211 18.07 -7.95 20.35
CA ALA B 211 18.58 -8.62 19.14
C ALA B 211 17.79 -8.36 17.88
N PRO B 212 18.41 -7.75 16.86
CA PRO B 212 17.84 -7.79 15.55
C PRO B 212 18.01 -9.17 14.91
N HIS B 213 17.00 -9.63 14.17
CA HIS B 213 17.01 -10.88 13.38
C HIS B 213 16.57 -10.59 11.95
N THR B 214 17.48 -10.72 10.98
CA THR B 214 17.19 -10.46 9.58
C THR B 214 16.67 -11.69 8.86
N CYS B 215 15.90 -11.46 7.79
CA CYS B 215 15.56 -12.45 6.79
C CYS B 215 15.82 -11.83 5.43
N ASN B 216 16.06 -12.66 4.42
CA ASN B 216 16.29 -12.16 3.06
C ASN B 216 15.00 -12.06 2.24
N LYS B 217 13.86 -12.07 2.93
CA LYS B 217 12.52 -11.92 2.35
C LYS B 217 11.81 -10.78 3.07
N LYS B 218 10.95 -10.05 2.34
CA LYS B 218 10.13 -8.96 2.89
C LYS B 218 8.77 -9.47 3.35
N GLY B 219 8.34 -8.98 4.51
CA GLY B 219 7.05 -9.38 5.06
C GLY B 219 7.02 -10.84 5.41
N LEU B 220 5.83 -11.40 5.48
CA LEU B 220 5.65 -12.79 5.83
C LEU B 220 5.97 -13.66 4.61
N TYR B 221 6.90 -14.57 4.78
CA TYR B 221 7.28 -15.51 3.76
C TYR B 221 7.00 -16.92 4.22
N LEU B 222 6.29 -17.69 3.40
CA LEU B 222 6.00 -19.10 3.74
C LEU B 222 7.13 -19.98 3.21
N CYS B 223 7.90 -20.52 4.12
CA CYS B 223 9.10 -21.28 3.76
C CYS B 223 8.79 -22.76 3.61
N GLU B 224 9.56 -23.42 2.74
CA GLU B 224 9.47 -24.86 2.65
C GLU B 224 10.84 -25.50 2.80
N GLY B 225 10.87 -26.67 3.42
CA GLY B 225 12.10 -27.44 3.50
C GLY B 225 13.21 -26.68 4.16
N GLU B 226 14.37 -26.67 3.50
CA GLU B 226 15.57 -26.04 4.01
C GLU B 226 15.43 -24.52 4.21
N GLU B 227 14.48 -23.88 3.53
CA GLU B 227 14.29 -22.45 3.71
C GLU B 227 13.94 -22.13 5.17
N CYS B 228 13.31 -23.06 5.88
CA CYS B 228 12.90 -22.85 7.28
C CYS B 228 13.99 -23.16 8.29
N ALA B 229 15.10 -23.75 7.83
CA ALA B 229 16.16 -24.24 8.72
C ALA B 229 17.19 -23.17 9.06
N PHE B 230 18.18 -23.55 9.88
CA PHE B 230 19.21 -22.57 10.30
C PHE B 230 19.91 -21.91 9.11
N GLU B 231 20.16 -22.70 8.06
CA GLU B 231 20.81 -22.22 6.86
C GLU B 231 19.87 -21.62 5.83
N GLY B 232 18.64 -21.30 6.25
CA GLY B 232 17.60 -20.83 5.36
C GLY B 232 17.46 -19.34 5.24
N VAL B 233 16.22 -18.88 5.13
CA VAL B 233 15.92 -17.49 4.77
C VAL B 233 15.90 -16.50 5.95
N CYS B 234 15.87 -17.01 7.17
CA CYS B 234 15.86 -16.17 8.36
C CYS B 234 16.97 -16.49 9.35
N ASP B 235 17.33 -15.47 10.13
CA ASP B 235 18.38 -15.52 11.14
C ASP B 235 17.76 -15.91 12.48
N LYS B 236 17.86 -17.19 12.85
CA LYS B 236 17.28 -17.71 14.12
C LYS B 236 17.96 -17.14 15.34
N ASN B 237 19.29 -17.01 15.29
CA ASN B 237 20.01 -16.56 16.47
C ASN B 237 19.87 -15.09 16.77
N GLY B 238 19.85 -14.27 15.72
CA GLY B 238 19.91 -12.82 15.90
C GLY B 238 21.31 -12.35 16.26
N CYS B 239 21.49 -11.03 16.22
CA CYS B 239 22.71 -10.42 16.73
C CYS B 239 22.48 -9.97 18.16
N GLY B 240 22.89 -10.80 19.10
CA GLY B 240 22.52 -10.57 20.49
C GLY B 240 23.36 -9.55 21.20
N TRP B 241 22.70 -8.79 22.07
CA TRP B 241 23.34 -7.76 22.88
C TRP B 241 22.86 -7.98 24.32
N ASN B 242 23.79 -8.37 25.19
CA ASN B 242 23.51 -8.69 26.59
C ASN B 242 24.78 -8.36 27.37
N ASN B 243 24.69 -7.48 28.37
CA ASN B 243 25.88 -7.09 29.14
C ASN B 243 26.73 -8.28 29.58
N TYR B 244 26.08 -9.36 30.04
CA TYR B 244 26.82 -10.53 30.51
C TYR B 244 27.64 -11.11 29.38
N ARG B 245 27.05 -11.21 28.19
CA ARG B 245 27.77 -11.82 27.06
C ARG B 245 29.01 -11.02 26.64
N VAL B 246 29.03 -9.73 26.92
CA VAL B 246 30.17 -8.88 26.63
C VAL B 246 31.01 -8.57 27.88
N ASN B 247 30.81 -9.37 28.92
CA ASN B 247 31.70 -9.36 30.10
C ASN B 247 31.59 -8.12 30.95
N VAL B 248 30.35 -7.66 31.13
CA VAL B 248 30.04 -6.60 32.07
C VAL B 248 28.95 -7.14 33.01
N THR B 249 29.37 -7.68 34.15
CA THR B 249 28.46 -8.50 34.98
C THR B 249 27.71 -7.75 36.04
N ASP B 250 27.99 -6.45 36.20
CA ASP B 250 27.40 -5.63 37.25
C ASP B 250 26.44 -4.58 36.76
N TYR B 251 25.94 -4.73 35.54
CA TYR B 251 25.13 -3.69 34.89
C TYR B 251 23.65 -3.78 35.21
N TYR B 252 23.12 -5.01 35.33
CA TYR B 252 21.67 -5.24 35.35
C TYR B 252 21.33 -6.42 36.22
N GLY B 253 20.49 -6.22 37.22
CA GLY B 253 20.12 -7.30 38.09
C GLY B 253 19.41 -6.91 39.36
N ARG B 254 19.15 -7.90 40.20
CA ARG B 254 18.36 -7.72 41.43
C ARG B 254 19.20 -7.19 42.56
N GLY B 255 19.18 -5.87 42.71
CA GLY B 255 19.85 -5.25 43.86
C GLY B 255 20.56 -3.96 43.52
N GLU B 256 20.93 -3.24 44.57
CA GLU B 256 21.58 -1.95 44.46
C GLU B 256 22.99 -2.04 43.87
N GLU B 257 23.58 -3.23 43.84
CA GLU B 257 24.92 -3.41 43.27
C GLU B 257 24.94 -3.43 41.75
N PHE B 258 23.76 -3.36 41.14
CA PHE B 258 23.67 -3.30 39.69
C PHE B 258 23.27 -1.91 39.23
N LYS B 259 23.78 -1.48 38.08
CA LYS B 259 23.47 -0.14 37.57
C LYS B 259 21.97 0.04 37.33
N VAL B 260 21.32 -0.98 36.77
CA VAL B 260 19.87 -1.04 36.63
C VAL B 260 19.39 -2.08 37.64
N ASN B 261 18.65 -1.64 38.65
CA ASN B 261 18.19 -2.50 39.76
C ASN B 261 16.78 -3.01 39.49
N THR B 262 16.67 -4.28 39.14
CA THR B 262 15.40 -4.82 38.69
C THR B 262 14.44 -5.13 39.84
N LEU B 263 14.84 -4.85 41.08
CA LEU B 263 13.90 -4.86 42.18
C LEU B 263 12.92 -3.69 42.16
N LYS B 264 13.17 -2.73 41.30
CA LYS B 264 12.32 -1.54 41.14
C LYS B 264 12.01 -1.32 39.67
N PRO B 265 10.92 -0.63 39.35
CA PRO B 265 10.63 -0.35 37.94
C PRO B 265 11.68 0.56 37.30
N PHE B 266 11.76 0.52 35.99
CA PHE B 266 12.70 1.37 35.25
C PHE B 266 12.19 1.63 33.84
N THR B 267 12.87 2.53 33.15
CA THR B 267 12.58 2.94 31.77
C THR B 267 13.65 2.40 30.83
N VAL B 268 13.21 1.93 29.68
CA VAL B 268 14.02 1.25 28.66
C VAL B 268 13.93 2.04 27.38
N VAL B 269 15.05 2.65 26.95
CA VAL B 269 15.09 3.45 25.73
C VAL B 269 15.89 2.72 24.63
N THR B 270 15.34 2.67 23.41
CA THR B 270 16.02 2.02 22.28
C THR B 270 15.98 2.93 21.07
N GLN B 271 17.16 3.36 20.62
CA GLN B 271 17.30 4.27 19.48
C GLN B 271 17.82 3.53 18.26
N PHE B 272 17.19 3.80 17.12
CA PHE B 272 17.56 3.20 15.84
C PHE B 272 18.24 4.28 14.98
N LEU B 273 19.57 4.33 15.05
CA LEU B 273 20.32 5.47 14.50
C LEU B 273 20.72 5.19 13.06
N ALA B 274 20.39 6.13 12.19
CA ALA B 274 20.64 5.98 10.76
C ALA B 274 21.86 6.76 10.30
N ASN B 275 22.47 6.30 9.21
CA ASN B 275 23.56 7.03 8.55
C ASN B 275 22.98 8.16 7.74
N ARG B 276 23.86 8.94 7.12
CA ARG B 276 23.37 10.17 6.51
C ARG B 276 22.42 9.88 5.35
N ARG B 277 22.56 8.70 4.75
CA ARG B 277 21.65 8.24 3.70
C ARG B 277 20.33 7.63 4.17
N GLY B 278 20.10 7.56 5.47
CA GLY B 278 18.84 7.05 6.00
C GLY B 278 18.75 5.54 6.20
N LYS B 279 19.87 4.85 6.10
CA LYS B 279 19.89 3.42 6.41
C LYS B 279 20.32 3.24 7.86
N LEU B 280 19.79 2.21 8.47
CA LEU B 280 20.14 1.92 9.85
C LEU B 280 21.59 1.51 10.00
N GLU B 281 22.28 2.15 10.94
CA GLU B 281 23.67 1.89 11.24
C GLU B 281 23.93 1.31 12.64
N LYS B 282 23.23 1.81 13.65
CA LYS B 282 23.48 1.46 15.04
C LYS B 282 22.19 1.32 15.81
N ILE B 283 22.16 0.41 16.77
CA ILE B 283 21.04 0.28 17.71
C ILE B 283 21.59 0.52 19.11
N HIS B 284 21.01 1.50 19.79
CA HIS B 284 21.51 2.01 21.06
C HIS B 284 20.46 1.82 22.17
N ARG B 285 20.85 1.12 23.23
CA ARG B 285 20.00 0.87 24.39
C ARG B 285 20.58 1.52 25.63
N PHE B 286 19.77 2.35 26.28
CA PHE B 286 20.10 2.83 27.60
C PHE B 286 18.84 2.87 28.47
N TYR B 287 19.00 3.17 29.75
CA TYR B 287 17.92 3.04 30.72
C TYR B 287 17.78 4.33 31.50
N VAL B 288 16.68 4.45 32.23
CA VAL B 288 16.47 5.54 33.18
C VAL B 288 15.84 4.92 34.42
N GLN B 289 16.37 5.28 35.59
CA GLN B 289 15.80 4.77 36.83
C GLN B 289 15.99 5.81 37.92
N ASP B 290 14.92 6.02 38.69
CA ASP B 290 14.87 7.02 39.74
C ASP B 290 15.26 8.40 39.24
N GLY B 291 14.84 8.70 38.00
CA GLY B 291 15.05 10.01 37.39
C GLY B 291 16.42 10.26 36.80
N LYS B 292 17.28 9.23 36.79
CA LYS B 292 18.66 9.34 36.34
C LYS B 292 18.87 8.46 35.11
N VAL B 293 19.40 9.04 34.05
CA VAL B 293 19.86 8.28 32.88
C VAL B 293 21.02 7.38 33.25
N ILE B 294 20.90 6.13 32.82
CA ILE B 294 21.93 5.09 33.00
C ILE B 294 22.42 4.76 31.60
N GLU B 295 23.58 5.27 31.22
CA GLU B 295 24.09 5.08 29.89
C GLU B 295 24.42 3.62 29.68
N SER B 296 24.48 3.22 28.43
CA SER B 296 24.87 1.85 28.10
C SER B 296 26.29 1.56 28.58
N PHE B 297 26.51 0.32 28.98
CA PHE B 297 27.82 -0.25 29.11
C PHE B 297 28.52 -0.26 27.75
N TYR B 298 29.86 -0.33 27.82
CA TYR B 298 30.67 -0.68 26.67
C TYR B 298 31.08 -2.13 26.81
N THR B 299 31.30 -2.79 25.68
CA THR B 299 31.81 -4.14 25.71
C THR B 299 33.17 -4.22 26.42
N ASN B 300 33.44 -5.38 26.99
CA ASN B 300 34.67 -5.59 27.76
C ASN B 300 35.20 -6.99 27.60
N LYS B 301 35.32 -7.45 26.36
CA LYS B 301 35.66 -8.85 26.10
C LYS B 301 36.66 -8.97 24.98
N GLU B 302 37.71 -9.75 25.23
CA GLU B 302 38.72 -10.03 24.22
C GLU B 302 38.08 -10.50 22.93
N GLY B 303 38.48 -9.91 21.81
CA GLY B 303 37.96 -10.29 20.52
C GLY B 303 36.72 -9.54 20.08
N VAL B 304 36.16 -8.72 20.97
CA VAL B 304 34.95 -7.98 20.66
C VAL B 304 35.35 -6.51 20.55
N PRO B 305 35.08 -5.89 19.40
CA PRO B 305 35.37 -4.47 19.23
C PRO B 305 34.76 -3.64 20.33
N TYR B 306 35.49 -2.64 20.81
CA TYR B 306 35.00 -1.77 21.86
C TYR B 306 33.83 -0.95 21.32
N THR B 307 32.65 -1.10 21.93
CA THR B 307 31.45 -0.44 21.44
C THR B 307 30.42 -0.37 22.55
N ASN B 308 29.56 0.64 22.49
CA ASN B 308 28.36 0.73 23.31
C ASN B 308 27.07 0.62 22.51
N MET B 309 27.17 0.15 21.27
CA MET B 309 25.99 0.02 20.40
C MET B 309 26.13 -1.20 19.50
N ILE B 310 24.98 -1.76 19.14
CA ILE B 310 24.92 -2.83 18.14
C ILE B 310 25.17 -2.24 16.75
N ASP B 311 26.07 -2.85 15.99
CA ASP B 311 26.34 -2.46 14.60
C ASP B 311 26.95 -3.65 13.88
N ASP B 312 27.20 -3.51 12.59
CA ASP B 312 27.72 -4.62 11.80
C ASP B 312 29.05 -5.13 12.32
N GLU B 313 29.93 -4.22 12.73
CA GLU B 313 31.24 -4.64 13.24
C GLU B 313 31.09 -5.56 14.43
N PHE B 314 30.23 -5.16 15.37
CA PHE B 314 29.93 -5.96 16.54
C PHE B 314 29.31 -7.31 16.17
N CYS B 315 28.30 -7.26 15.30
CA CYS B 315 27.59 -8.49 14.94
C CYS B 315 28.49 -9.51 14.24
N GLU B 316 29.35 -9.03 13.34
CA GLU B 316 30.29 -9.91 12.64
C GLU B 316 31.30 -10.51 13.64
N ALA B 317 31.83 -9.67 14.52
CA ALA B 317 32.87 -10.13 15.46
C ALA B 317 32.37 -11.15 16.48
N THR B 318 31.07 -11.10 16.79
CA THR B 318 30.47 -12.02 17.75
C THR B 318 29.85 -13.23 17.06
N GLY B 319 30.10 -13.41 15.76
CA GLY B 319 29.76 -14.67 15.09
C GLY B 319 28.30 -14.74 14.62
N SER B 320 27.69 -13.57 14.41
CA SER B 320 26.28 -13.48 13.96
C SER B 320 26.22 -13.64 12.45
N ARG B 321 26.57 -14.83 12.01
CA ARG B 321 26.79 -15.03 10.58
C ARG B 321 25.54 -14.90 9.73
N LYS B 322 24.46 -15.57 10.13
CA LYS B 322 23.24 -15.46 9.33
C LYS B 322 22.67 -14.05 9.37
N TYR B 323 22.78 -13.36 10.50
CA TYR B 323 22.36 -11.95 10.58
C TYR B 323 23.01 -11.16 9.45
N MET B 324 24.33 -11.33 9.29
CA MET B 324 25.08 -10.61 8.26
C MET B 324 24.74 -11.06 6.85
N GLU B 325 24.67 -12.37 6.62
CA GLU B 325 24.38 -12.90 5.29
C GLU B 325 22.98 -12.60 4.80
N LEU B 326 22.03 -12.44 5.72
CA LEU B 326 20.62 -12.25 5.37
C LEU B 326 20.19 -10.80 5.31
N GLY B 327 21.12 -9.85 5.45
CA GLY B 327 20.77 -8.44 5.27
C GLY B 327 21.55 -7.45 6.09
N ALA B 328 22.10 -7.90 7.21
CA ALA B 328 22.90 -7.10 8.10
C ALA B 328 22.06 -5.92 8.69
N THR B 329 22.71 -4.92 9.28
CA THR B 329 21.98 -3.85 9.97
C THR B 329 21.15 -3.05 8.97
N GLN B 330 21.69 -2.84 7.77
CA GLN B 330 20.91 -2.18 6.72
C GLN B 330 19.62 -2.94 6.42
N GLY B 331 19.70 -4.27 6.29
CA GLY B 331 18.51 -5.05 6.01
C GLY B 331 17.50 -4.98 7.13
N MET B 332 17.96 -5.06 8.38
CA MET B 332 17.04 -4.92 9.50
C MET B 332 16.33 -3.58 9.42
N GLY B 333 17.10 -2.53 9.17
CA GLY B 333 16.54 -1.19 9.07
C GLY B 333 15.56 -1.02 7.92
N GLU B 334 15.77 -1.73 6.83
CA GLU B 334 14.83 -1.66 5.71
C GLU B 334 13.49 -2.26 6.08
N ALA B 335 13.50 -3.33 6.87
CA ALA B 335 12.26 -3.85 7.44
C ALA B 335 11.60 -2.84 8.36
N LEU B 336 12.38 -2.26 9.25
CA LEU B 336 11.85 -1.29 10.17
C LEU B 336 11.19 -0.13 9.44
N THR B 337 11.83 0.33 8.35
CA THR B 337 11.29 1.42 7.54
C THR B 337 10.02 1.05 6.81
N ARG B 338 9.96 -0.19 6.29
CA ARG B 338 8.72 -0.65 5.64
C ARG B 338 7.56 -0.62 6.62
N GLY B 339 7.83 -0.88 7.89
CA GLY B 339 6.79 -0.89 8.93
C GLY B 339 6.66 -2.24 9.59
N MET B 340 6.53 -2.23 10.92
CA MET B 340 6.48 -3.44 11.72
C MET B 340 5.37 -3.38 12.75
N VAL B 341 4.94 -4.56 13.19
CA VAL B 341 3.91 -4.72 14.20
C VAL B 341 4.56 -5.02 15.54
N LEU B 342 4.03 -4.40 16.59
CA LEU B 342 4.47 -4.59 17.96
C LEU B 342 3.77 -5.76 18.62
N ALA B 343 4.59 -6.72 19.05
CA ALA B 343 4.19 -7.92 19.76
C ALA B 343 4.76 -7.88 21.18
N MET B 344 3.95 -8.31 22.14
CA MET B 344 4.35 -8.37 23.55
C MET B 344 3.91 -9.72 24.12
N SER B 345 4.79 -10.42 24.82
CA SER B 345 4.47 -11.76 25.31
C SER B 345 5.21 -12.06 26.59
N ILE B 346 4.78 -13.15 27.21
CA ILE B 346 5.48 -13.69 28.38
C ILE B 346 5.48 -15.22 28.17
N TRP B 347 6.64 -15.85 28.33
CA TRP B 347 6.78 -17.25 28.04
C TRP B 347 7.92 -17.91 28.80
N TRP B 348 7.89 -19.25 28.84
CA TRP B 348 8.98 -20.04 29.42
C TRP B 348 9.33 -21.19 28.47
N ASP B 349 10.36 -21.94 28.84
CA ASP B 349 11.00 -22.86 27.89
C ASP B 349 11.26 -24.20 28.57
N GLN B 350 10.33 -25.14 28.37
CA GLN B 350 10.47 -26.45 28.94
C GLN B 350 11.68 -27.22 28.39
N GLY B 351 11.96 -27.07 27.12
CA GLY B 351 13.08 -27.80 26.52
C GLY B 351 14.47 -27.39 26.97
N GLY B 352 14.67 -26.09 27.13
CA GLY B 352 15.98 -25.51 27.25
C GLY B 352 16.19 -24.50 28.36
N ASN B 353 15.15 -24.25 29.18
CA ASN B 353 15.23 -23.41 30.35
C ASN B 353 15.63 -21.95 30.06
N MET B 354 15.49 -21.50 28.82
CA MET B 354 15.84 -20.12 28.45
C MET B 354 17.30 -19.79 28.76
N GLU B 355 18.17 -20.81 28.69
CA GLU B 355 19.56 -20.61 29.12
C GLU B 355 20.28 -19.54 28.32
N TRP B 356 19.95 -19.40 27.04
CA TRP B 356 20.58 -18.39 26.20
C TRP B 356 20.31 -16.96 26.69
N LEU B 357 19.26 -16.78 27.50
CA LEU B 357 18.92 -15.45 28.00
C LEU B 357 19.72 -15.09 29.26
N ASP B 358 19.85 -16.03 30.21
CA ASP B 358 20.28 -15.65 31.57
C ASP B 358 21.23 -16.61 32.26
N HIS B 359 21.79 -17.56 31.52
CA HIS B 359 22.67 -18.60 32.09
C HIS B 359 24.03 -18.61 31.40
N GLY B 360 25.07 -18.95 32.17
CA GLY B 360 26.39 -19.19 31.58
C GLY B 360 27.00 -17.90 31.07
N GLU B 361 27.21 -17.85 29.77
CA GLU B 361 27.76 -16.64 29.12
C GLU B 361 26.78 -15.48 29.23
N ALA B 362 25.51 -15.81 29.46
CA ALA B 362 24.42 -14.83 29.37
C ALA B 362 23.87 -14.30 30.69
N GLY B 363 24.27 -14.85 31.83
CA GLY B 363 23.74 -14.35 33.08
C GLY B 363 24.06 -15.19 34.29
N PRO B 364 23.43 -14.84 35.41
CA PRO B 364 23.78 -15.41 36.71
C PRO B 364 22.98 -16.65 37.13
N CYS B 365 22.06 -17.08 36.29
CA CYS B 365 21.18 -18.17 36.64
C CYS B 365 21.91 -19.49 36.60
N ALA B 366 21.67 -20.32 37.59
CA ALA B 366 22.32 -21.63 37.68
C ALA B 366 21.68 -22.64 36.76
N LYS B 367 22.43 -23.69 36.46
CA LYS B 367 21.90 -24.82 35.73
C LYS B 367 20.66 -25.35 36.45
N GLY B 368 19.57 -25.49 35.68
CA GLY B 368 18.30 -25.95 36.19
C GLY B 368 17.42 -24.90 36.81
N GLU B 369 17.96 -23.71 37.07
CA GLU B 369 17.22 -22.70 37.81
C GLU B 369 16.01 -22.17 37.00
N GLY B 370 16.18 -22.14 35.68
CA GLY B 370 15.15 -21.64 34.77
C GLY B 370 14.17 -22.67 34.26
N ALA B 371 14.23 -23.88 34.77
CA ALA B 371 13.23 -24.89 34.44
C ALA B 371 11.87 -24.43 34.93
N PRO B 372 10.81 -24.58 34.13
CA PRO B 372 9.46 -24.26 34.63
C PRO B 372 9.11 -24.85 35.99
N SER B 373 9.51 -26.10 36.26
CA SER B 373 9.25 -26.71 37.55
C SER B 373 9.91 -25.95 38.68
N ASN B 374 11.04 -25.29 38.42
CA ASN B 374 11.68 -24.45 39.44
C ASN B 374 11.11 -23.03 39.49
N ILE B 375 10.80 -22.47 38.32
CA ILE B 375 10.21 -21.14 38.24
C ILE B 375 9.02 -21.03 39.17
N VAL B 376 8.13 -22.02 39.14
CA VAL B 376 6.92 -21.90 39.94
C VAL B 376 7.17 -21.96 41.45
N GLN B 377 8.30 -22.53 41.86
CA GLN B 377 8.67 -22.51 43.27
C GLN B 377 9.21 -21.16 43.68
N VAL B 378 9.91 -20.47 42.79
CA VAL B 378 10.49 -19.15 43.08
C VAL B 378 9.43 -18.07 43.00
N GLU B 379 8.62 -18.12 41.95
CA GLU B 379 7.55 -17.16 41.69
C GLU B 379 6.35 -17.90 41.12
N PRO B 380 5.35 -18.22 41.94
CA PRO B 380 4.20 -19.00 41.48
C PRO B 380 3.36 -18.28 40.41
N PHE B 381 3.48 -16.97 40.31
CA PHE B 381 2.67 -16.21 39.37
C PHE B 381 3.52 -15.17 38.64
N PRO B 382 4.36 -15.64 37.71
CA PRO B 382 5.21 -14.71 36.96
C PRO B 382 4.36 -13.75 36.13
N GLU B 383 4.78 -12.50 36.06
CA GLU B 383 4.06 -11.50 35.31
C GLU B 383 4.97 -10.34 34.98
N VAL B 384 4.56 -9.54 33.98
CA VAL B 384 5.26 -8.30 33.62
C VAL B 384 4.23 -7.23 33.35
N THR B 385 4.58 -5.98 33.65
CA THR B 385 3.76 -4.83 33.27
C THR B 385 4.60 -3.87 32.46
N TYR B 386 4.10 -3.51 31.28
CA TYR B 386 4.70 -2.50 30.40
C TYR B 386 3.81 -1.25 30.48
N THR B 387 4.43 -0.10 30.64
CA THR B 387 3.69 1.13 30.87
C THR B 387 4.26 2.28 30.02
N ASN B 388 3.37 3.14 29.57
CA ASN B 388 3.76 4.32 28.79
C ASN B 388 4.60 4.02 27.55
N LEU B 389 4.09 3.13 26.72
CA LEU B 389 4.74 2.87 25.44
C LEU B 389 4.75 4.15 24.63
N ARG B 390 5.92 4.53 24.13
CA ARG B 390 6.04 5.84 23.51
C ARG B 390 7.17 5.85 22.48
N TRP B 391 6.92 6.43 21.33
CA TRP B 391 7.96 6.43 20.31
C TRP B 391 7.92 7.73 19.53
N GLY B 392 9.07 8.07 18.94
CA GLY B 392 9.16 9.29 18.16
C GLY B 392 10.56 9.78 17.99
N GLU B 393 10.70 11.09 17.94
CA GLU B 393 11.99 11.69 17.66
C GLU B 393 13.08 11.35 18.66
N ILE B 394 14.28 11.18 18.14
CA ILE B 394 15.44 10.93 18.99
C ILE B 394 15.54 12.00 20.07
N GLY B 395 15.71 11.54 21.30
CA GLY B 395 15.80 12.41 22.46
C GLY B 395 14.51 12.92 23.04
N SER B 396 13.37 12.59 22.45
CA SER B 396 12.08 13.14 22.88
C SER B 396 11.25 12.28 23.80
N THR B 397 11.61 11.00 24.00
CA THR B 397 10.73 10.10 24.74
C THR B 397 11.02 9.98 26.22
N TYR B 398 12.15 10.53 26.68
CA TYR B 398 12.59 10.28 28.06
C TYR B 398 13.00 11.56 28.75
N GLN B 399 13.52 11.46 29.88
C2 BGC C . 7.51 0.86 -20.95
C3 BGC C . 6.08 1.11 -21.43
C4 BGC C . 5.54 2.45 -20.98
C5 BGC C . 6.57 3.58 -21.07
C6 BGC C . 6.12 4.78 -20.24
C1 BGC C . 8.39 2.07 -21.23
O1 BGC C . 9.70 1.86 -20.75
O2 BGC C . 8.05 -0.25 -21.65
O3 BGC C . 5.22 0.10 -20.96
O4 BGC C . 4.41 2.80 -21.78
O5 BGC C . 7.83 3.17 -20.56
O6 BGC C . 6.97 5.91 -20.49
C1 GAL C . 3.16 2.58 -21.11
C2 GAL C . 2.13 3.51 -21.75
C3 GAL C . 0.79 3.36 -21.09
C4 GAL C . 0.36 1.89 -21.05
C5 GAL C . 1.50 0.99 -20.55
C6 GAL C . 1.14 -0.48 -20.69
O2 GAL C . 2.49 4.85 -21.56
O3 GAL C . -0.10 4.18 -21.82
O4 GAL C . -0.02 1.49 -22.34
O5 GAL C . 2.69 1.24 -21.26
O6 GAL C . 2.01 -1.25 -19.89
C1 GLC D . -3.52 6.39 -22.75
C2 GLC D . -3.85 4.96 -23.16
C3 GLC D . -5.30 4.67 -22.82
C4 GLC D . -5.61 4.95 -21.36
C5 GLC D . -5.26 6.39 -21.08
C6 GLC D . -5.54 6.85 -19.64
O1 GLC D . -4.09 7.34 -23.65
O2 GLC D . -3.52 4.92 -24.54
O3 GLC D . -5.56 3.31 -23.18
O4 GLC D . -7.02 4.78 -21.21
O5 GLC D . -3.88 6.64 -21.40
O6 GLC D . -4.82 6.08 -18.70
C1 GAL D . -7.45 3.99 -20.10
C2 GAL D . -8.88 4.31 -19.78
C3 GAL D . -9.41 3.40 -18.70
C4 GAL D . -9.13 1.95 -19.06
C5 GAL D . -7.67 1.77 -19.39
C6 GAL D . -7.32 0.34 -19.75
O2 GAL D . -8.98 5.67 -19.35
O3 GAL D . -10.81 3.66 -18.57
O4 GAL D . -9.92 1.49 -20.14
O5 GAL D . -7.32 2.63 -20.47
O6 GAL D . -5.91 0.11 -19.85
C2 BGC E . 23.08 -19.44 20.99
C3 BGC E . 21.69 -19.19 20.45
C4 BGC E . 21.15 -17.81 20.83
C5 BGC E . 22.19 -16.69 20.71
C6 BGC E . 21.74 -15.46 21.50
C1 BGC E . 23.97 -18.26 20.69
O1 BGC E . 25.23 -18.51 21.27
O2 BGC E . 23.61 -20.61 20.41
O3 BGC E . 20.84 -20.20 20.93
O4 BGC E . 20.09 -17.50 19.96
O5 BGC E . 23.43 -17.09 21.24
O6 BGC E . 22.48 -14.32 21.10
C1 GAL E . 18.80 -17.66 20.57
C2 GAL E . 17.82 -16.75 19.86
C3 GAL E . 16.46 -16.86 20.48
C4 GAL E . 15.99 -18.32 20.51
C5 GAL E . 17.09 -19.19 21.11
C6 GAL E . 16.73 -20.67 21.10
O2 GAL E . 18.20 -15.42 20.03
O3 GAL E . 15.60 -16.06 19.70
O4 GAL E . 15.66 -18.75 19.20
O5 GAL E . 18.33 -18.98 20.47
O6 GAL E . 17.90 -21.38 21.41
C1 GLC F . 12.29 -13.65 18.62
C2 GLC F . 11.95 -15.08 18.19
C3 GLC F . 10.49 -15.37 18.44
C4 GLC F . 10.06 -15.08 19.87
C5 GLC F . 10.45 -13.65 20.17
C6 GLC F . 10.11 -13.20 21.58
O1 GLC F . 11.75 -12.70 17.71
O2 GLC F . 12.31 -15.13 16.82
O3 GLC F . 10.21 -16.72 18.10
O4 GLC F . 8.65 -15.21 19.93
O5 GLC F . 11.82 -13.39 19.94
O6 GLC F . 10.77 -13.96 22.56
C1 GAL F . 8.17 -15.98 21.05
C2 GAL F . 6.71 -15.64 21.27
C3 GAL F . 6.10 -16.53 22.34
C4 GAL F . 6.40 -17.99 22.02
C5 GAL F . 7.89 -18.18 21.76
C6 GAL F . 8.22 -19.63 21.37
O2 GAL F . 6.59 -14.28 21.66
O3 GAL F . 4.70 -16.28 22.42
O4 GAL F . 5.68 -18.45 20.90
O5 GAL F . 8.28 -17.34 20.69
O6 GAL F . 9.61 -19.88 21.37
C1 NAG G . 21.11 11.46 -10.43
C2 NAG G . 22.48 11.51 -11.11
C3 NAG G . 23.56 11.64 -10.03
C4 NAG G . 23.26 12.84 -9.14
C5 NAG G . 21.87 12.74 -8.57
C6 NAG G . 21.45 13.95 -7.76
C7 NAG G . 22.72 10.26 -13.23
C8 NAG G . 22.82 8.91 -13.87
N2 NAG G . 22.65 10.31 -11.90
O3 NAG G . 24.84 11.76 -10.60
O4 NAG G . 24.19 12.85 -8.07
O5 NAG G . 20.95 12.62 -9.65
O6 NAG G . 21.47 15.14 -8.54
O7 NAG G . 22.68 11.25 -13.96
C1 NAG H . 36.35 -9.87 31.65
C2 NAG H . 37.65 -10.11 30.88
C3 NAG H . 38.83 -10.25 31.86
C4 NAG H . 38.84 -9.12 32.86
C5 NAG H . 37.48 -9.07 33.55
C6 NAG H . 37.37 -8.02 34.64
C7 NAG H . 37.71 -11.40 28.78
C8 NAG H . 37.51 -12.74 28.12
N2 NAG H . 37.51 -11.33 30.09
O3 NAG H . 40.04 -10.29 31.14
O4 NAG H . 39.86 -9.29 33.85
O5 NAG H . 36.51 -8.79 32.55
O6 NAG H . 36.28 -8.37 35.46
O7 NAG H . 38.08 -10.40 28.13
#